data_1OQ1
#
_entry.id   1OQ1
#
_cell.length_a   74.839
_cell.length_b   44.616
_cell.length_c   139.391
_cell.angle_alpha   90.00
_cell.angle_beta   100.34
_cell.angle_gamma   90.00
#
_symmetry.space_group_name_H-M   'P 1 21 1'
#
loop_
_entity.id
_entity.type
_entity.pdbx_description
1 polymer 'Protein yesU'
2 non-polymer 'ACETIC ACID'
3 non-polymer GLYCEROL
4 water water
#
_entity_poly.entity_id   1
_entity_poly.type   'polypeptide(L)'
_entity_poly.pdbx_seq_one_letter_code
;SNA(MSE)YKEGACLYRNPLRSKSDVKDWR(MSE)EGGGQISFDDHSLHLSHVQDEAHFVFWCPETFPDGIIVTWDFSPI
EQPGLC(MSE)LFFAAAGIRGEDLFDPSLRKRTGTYPEYHSGDINALHLSYFRRKYAEERAFRTCNLRKSRGFHLAA
(MSE)GADPLPSPDDADSPYR(MSE)KLIKDKGYVHFSINGLPILEW(MSE)DDGSTYGPVLTKGKIGFRQ(MSE)AP
(MSE)KAVYRDFAVHQAVRR
;
_entity_poly.pdbx_strand_id   A,B,C,D
#
# COMPACT_ATOMS: atom_id res chain seq x y z
N SER A 1 -11.42 19.09 -1.60
CA SER A 1 -12.25 19.25 -2.83
C SER A 1 -12.70 20.71 -3.00
N ASN A 2 -12.61 21.21 -4.22
CA ASN A 2 -13.02 22.58 -4.53
C ASN A 2 -12.27 23.64 -3.73
N ALA A 3 -10.95 23.55 -3.71
CA ALA A 3 -10.12 24.50 -2.98
C ALA A 3 -10.49 25.92 -3.40
N TYR A 5 -10.45 29.58 -4.59
CA TYR A 5 -9.66 30.42 -5.49
C TYR A 5 -10.46 31.68 -5.81
N LYS A 6 -9.76 32.78 -5.99
CA LYS A 6 -10.38 34.05 -6.35
C LYS A 6 -9.69 34.53 -7.62
N GLU A 7 -10.41 35.29 -8.44
CA GLU A 7 -9.82 35.84 -9.65
C GLU A 7 -9.04 37.08 -9.26
N GLY A 8 -7.81 37.20 -9.77
CA GLY A 8 -6.99 38.36 -9.48
C GLY A 8 -6.98 39.34 -10.64
N ALA A 9 -5.81 39.89 -10.94
CA ALA A 9 -5.68 40.85 -12.03
C ALA A 9 -6.10 40.25 -13.35
N CYS A 10 -6.70 41.08 -14.21
CA CYS A 10 -7.12 40.60 -15.52
C CYS A 10 -5.92 40.64 -16.44
N LEU A 11 -5.59 39.50 -17.05
CA LEU A 11 -4.44 39.43 -17.94
C LEU A 11 -4.84 39.57 -19.40
N TYR A 12 -6.06 39.18 -19.72
CA TYR A 12 -6.54 39.21 -21.10
C TYR A 12 -8.06 39.09 -21.13
N ARG A 13 -8.68 39.81 -22.05
CA ARG A 13 -10.11 39.76 -22.22
C ARG A 13 -10.45 40.03 -23.68
N ASN A 14 -11.19 39.10 -24.27
CA ASN A 14 -11.60 39.21 -25.67
C ASN A 14 -13.11 39.02 -25.74
N PRO A 15 -13.85 40.09 -26.11
CA PRO A 15 -15.30 40.03 -26.21
C PRO A 15 -15.80 39.05 -27.28
N LEU A 16 -15.00 38.83 -28.31
CA LEU A 16 -15.35 37.93 -29.41
C LEU A 16 -16.65 38.42 -30.07
N ARG A 17 -16.71 39.72 -30.35
CA ARG A 17 -17.89 40.32 -30.95
C ARG A 17 -17.75 40.66 -32.43
N SER A 18 -16.51 40.79 -32.91
CA SER A 18 -16.30 41.11 -34.32
C SER A 18 -15.02 40.45 -34.86
N LYS A 19 -14.89 40.46 -36.19
CA LYS A 19 -13.74 39.87 -36.86
C LYS A 19 -12.40 40.38 -36.33
N SER A 20 -12.35 41.66 -36.00
CA SER A 20 -11.10 42.25 -35.49
C SER A 20 -10.65 41.59 -34.19
N ASP A 21 -11.59 41.02 -33.45
CA ASP A 21 -11.25 40.37 -32.18
C ASP A 21 -10.43 39.09 -32.33
N VAL A 22 -10.53 38.43 -33.48
CA VAL A 22 -9.76 37.21 -33.69
C VAL A 22 -8.75 37.42 -34.82
N LYS A 23 -8.37 38.67 -35.03
CA LYS A 23 -7.42 39.06 -36.07
C LYS A 23 -6.21 38.15 -36.22
N ASP A 24 -5.46 37.96 -35.14
CA ASP A 24 -4.25 37.12 -35.19
C ASP A 24 -4.42 35.70 -34.67
N TRP A 25 -5.66 35.22 -34.57
CA TRP A 25 -5.87 33.85 -34.10
C TRP A 25 -5.49 32.89 -35.21
N ARG A 26 -5.09 31.67 -34.84
CA ARG A 26 -4.70 30.69 -35.84
C ARG A 26 -5.68 29.52 -35.95
N GLU A 28 -6.62 26.01 -37.40
CA GLU A 28 -6.01 24.79 -37.93
C GLU A 28 -7.12 23.80 -38.22
N GLY A 29 -7.47 23.66 -39.49
CA GLY A 29 -8.53 22.76 -39.86
C GLY A 29 -9.64 23.56 -40.52
N GLY A 30 -10.67 22.85 -40.98
CA GLY A 30 -11.77 23.50 -41.69
C GLY A 30 -12.86 24.19 -40.90
N GLY A 31 -12.47 25.05 -39.97
CA GLY A 31 -13.47 25.77 -39.19
C GLY A 31 -14.02 26.94 -39.98
N GLN A 32 -15.25 27.31 -39.69
CA GLN A 32 -15.90 28.42 -40.37
C GLN A 32 -16.23 29.47 -39.30
N ILE A 33 -15.82 30.71 -39.54
CA ILE A 33 -16.04 31.81 -38.61
C ILE A 33 -17.13 32.78 -39.05
N SER A 34 -17.99 33.15 -38.11
CA SER A 34 -19.09 34.08 -38.37
C SER A 34 -19.34 34.92 -37.12
N PHE A 35 -19.85 36.14 -37.29
CA PHE A 35 -20.12 36.98 -36.14
C PHE A 35 -21.55 37.52 -36.06
N ASP A 36 -22.49 36.68 -36.47
CA ASP A 36 -23.91 37.03 -36.42
C ASP A 36 -24.24 37.38 -34.97
N ASP A 37 -25.09 38.40 -34.77
CA ASP A 37 -25.47 38.82 -33.43
C ASP A 37 -24.27 39.27 -32.60
N HIS A 38 -23.23 39.75 -33.27
CA HIS A 38 -22.02 40.23 -32.59
C HIS A 38 -21.46 39.22 -31.57
N SER A 39 -21.33 37.98 -32.02
CA SER A 39 -20.80 36.92 -31.19
C SER A 39 -20.12 35.90 -32.11
N LEU A 40 -19.06 35.26 -31.61
CA LEU A 40 -18.33 34.28 -32.42
C LEU A 40 -19.11 32.99 -32.65
N HIS A 41 -19.42 32.73 -33.92
CA HIS A 41 -20.12 31.51 -34.30
C HIS A 41 -19.08 30.63 -34.97
N LEU A 42 -18.90 29.42 -34.45
CA LEU A 42 -17.94 28.49 -35.05
C LEU A 42 -18.69 27.28 -35.62
N SER A 43 -18.46 27.02 -36.90
CA SER A 43 -19.08 25.88 -37.59
C SER A 43 -18.03 25.19 -38.44
N HIS A 44 -18.45 24.29 -39.33
CA HIS A 44 -17.49 23.55 -40.15
C HIS A 44 -17.82 23.58 -41.64
N VAL A 45 -16.78 23.54 -42.47
CA VAL A 45 -16.99 23.57 -43.92
C VAL A 45 -17.46 22.21 -44.45
N GLN A 46 -17.16 21.15 -43.70
CA GLN A 46 -17.55 19.78 -44.06
C GLN A 46 -17.90 18.97 -42.81
N ASP A 47 -18.60 17.86 -43.00
CA ASP A 47 -19.02 17.01 -41.88
C ASP A 47 -17.92 16.44 -40.98
N GLU A 48 -16.70 16.33 -41.50
CA GLU A 48 -15.60 15.82 -40.69
C GLU A 48 -14.43 16.80 -40.68
N ALA A 49 -14.73 18.08 -40.89
CA ALA A 49 -13.70 19.12 -40.91
C ALA A 49 -13.40 19.62 -39.49
N HIS A 50 -12.81 18.75 -38.68
CA HIS A 50 -12.47 19.09 -37.30
C HIS A 50 -11.36 20.14 -37.27
N PHE A 51 -11.33 20.94 -36.21
CA PHE A 51 -10.32 22.00 -36.12
C PHE A 51 -9.95 22.39 -34.70
N VAL A 52 -8.92 23.23 -34.60
CA VAL A 52 -8.49 23.80 -33.35
C VAL A 52 -8.21 25.26 -33.73
N PHE A 53 -8.86 26.19 -33.04
CA PHE A 53 -8.74 27.62 -33.29
C PHE A 53 -8.00 28.21 -32.11
N TRP A 54 -6.74 28.61 -32.32
CA TRP A 54 -5.91 29.13 -31.24
C TRP A 54 -5.81 30.63 -31.02
N CYS A 55 -5.78 31.01 -29.75
CA CYS A 55 -5.58 32.40 -29.36
C CYS A 55 -4.05 32.48 -29.48
N PRO A 56 -3.52 33.59 -30.01
CA PRO A 56 -2.06 33.69 -30.15
C PRO A 56 -1.22 33.98 -28.91
N GLU A 57 -1.87 34.43 -27.84
CA GLU A 57 -1.17 34.79 -26.61
C GLU A 57 -0.70 33.63 -25.74
N THR A 58 0.52 33.76 -25.22
CA THR A 58 1.05 32.74 -24.32
C THR A 58 0.60 33.17 -22.93
N PHE A 59 -0.16 32.32 -22.25
CA PHE A 59 -0.61 32.65 -20.91
C PHE A 59 0.27 31.96 -19.87
N PRO A 60 0.44 32.58 -18.71
CA PRO A 60 1.25 32.00 -17.65
C PRO A 60 0.49 30.92 -16.90
N ASP A 61 1.18 30.25 -15.97
CA ASP A 61 0.55 29.23 -15.15
C ASP A 61 -0.18 30.04 -14.07
N GLY A 62 -1.06 29.40 -13.31
CA GLY A 62 -1.78 30.09 -12.26
C GLY A 62 -2.80 31.08 -12.78
N ILE A 63 -3.77 30.57 -13.51
CA ILE A 63 -4.80 31.41 -14.11
C ILE A 63 -6.20 30.83 -14.00
N ILE A 64 -7.19 31.69 -14.20
CA ILE A 64 -8.58 31.28 -14.19
C ILE A 64 -9.11 31.72 -15.55
N VAL A 65 -9.58 30.75 -16.34
CA VAL A 65 -10.07 31.00 -17.68
C VAL A 65 -11.60 30.91 -17.73
N THR A 66 -12.22 31.95 -18.27
CA THR A 66 -13.67 31.99 -18.37
C THR A 66 -14.16 32.37 -19.77
N TRP A 67 -15.35 31.89 -20.10
CA TRP A 67 -15.96 32.19 -21.39
C TRP A 67 -17.43 31.77 -21.38
N ASP A 68 -18.22 32.41 -22.23
CA ASP A 68 -19.65 32.10 -22.38
C ASP A 68 -19.74 31.12 -23.54
N PHE A 69 -20.52 30.06 -23.35
CA PHE A 69 -20.68 29.01 -24.35
C PHE A 69 -22.15 28.70 -24.65
N SER A 70 -22.48 28.59 -25.94
CA SER A 70 -23.85 28.28 -26.36
C SER A 70 -23.85 27.17 -27.41
N PRO A 71 -24.36 25.97 -27.05
CA PRO A 71 -24.40 24.87 -28.03
C PRO A 71 -25.61 25.13 -28.93
N ILE A 72 -25.36 25.30 -30.22
CA ILE A 72 -26.43 25.61 -31.16
C ILE A 72 -26.95 24.42 -31.98
N GLU A 73 -26.04 23.56 -32.42
CA GLU A 73 -26.44 22.40 -33.23
C GLU A 73 -25.50 21.21 -33.04
N GLN A 74 -26.08 20.02 -32.92
CA GLN A 74 -25.30 18.79 -32.77
C GLN A 74 -25.71 17.89 -33.95
N PRO A 75 -25.03 16.75 -34.15
CA PRO A 75 -23.90 16.17 -33.42
C PRO A 75 -22.66 17.04 -33.46
N GLY A 76 -21.77 16.82 -32.50
CA GLY A 76 -20.55 17.58 -32.43
C GLY A 76 -19.92 17.44 -31.06
N LEU A 77 -18.73 18.00 -30.89
CA LEU A 77 -18.01 17.95 -29.62
C LEU A 77 -17.13 19.18 -29.49
N CYS A 78 -16.98 19.66 -28.26
CA CYS A 78 -16.15 20.83 -28.01
C CYS A 78 -15.01 20.44 -27.08
N LEU A 80 -11.37 22.35 -24.97
CA LEU A 80 -10.48 23.48 -24.75
C LEU A 80 -9.07 22.96 -24.50
N PHE A 81 -8.11 23.52 -25.24
CA PHE A 81 -6.70 23.16 -25.07
C PHE A 81 -6.11 24.30 -24.23
N PHE A 82 -5.23 23.96 -23.30
CA PHE A 82 -4.55 24.99 -22.49
C PHE A 82 -3.15 24.52 -22.07
N ALA A 83 -2.29 25.45 -21.68
CA ALA A 83 -0.90 25.13 -21.29
C ALA A 83 -0.24 24.39 -22.45
N ALA A 84 -0.55 24.82 -23.68
CA ALA A 84 -0.01 24.19 -24.87
C ALA A 84 1.29 24.81 -25.35
N ALA A 85 2.29 23.96 -25.59
CA ALA A 85 3.59 24.42 -26.07
C ALA A 85 4.36 23.24 -26.66
N GLY A 86 5.47 23.51 -27.34
CA GLY A 86 6.24 22.43 -27.92
C GLY A 86 6.76 21.52 -26.83
N ILE A 87 7.06 20.27 -27.16
CA ILE A 87 7.56 19.32 -26.17
C ILE A 87 8.89 19.80 -25.56
N ARG A 88 9.60 20.67 -26.27
CA ARG A 88 10.86 21.19 -25.76
C ARG A 88 10.69 22.63 -25.26
N GLY A 89 9.44 23.03 -25.06
CA GLY A 89 9.18 24.38 -24.57
C GLY A 89 9.07 25.43 -25.66
N GLU A 90 9.03 25.01 -26.91
CA GLU A 90 8.91 25.96 -28.01
C GLU A 90 7.54 26.63 -28.05
N ASP A 91 7.50 27.83 -28.59
CA ASP A 91 6.25 28.56 -28.75
C ASP A 91 5.41 27.67 -29.67
N LEU A 92 4.14 27.49 -29.35
CA LEU A 92 3.28 26.64 -30.16
C LEU A 92 3.29 26.96 -31.65
N PHE A 93 3.68 28.18 -32.01
CA PHE A 93 3.68 28.55 -33.42
C PHE A 93 5.08 28.70 -34.03
N ASP A 94 6.08 28.19 -33.32
CA ASP A 94 7.45 28.23 -33.81
C ASP A 94 7.50 27.38 -35.08
N PRO A 95 8.14 27.89 -36.14
CA PRO A 95 8.22 27.14 -37.40
C PRO A 95 8.87 25.76 -37.31
N SER A 96 9.64 25.52 -36.23
CA SER A 96 10.31 24.24 -36.06
C SER A 96 9.37 23.09 -35.74
N LEU A 97 8.15 23.40 -35.33
CA LEU A 97 7.18 22.37 -35.01
C LEU A 97 6.42 21.89 -36.24
N ARG A 98 6.06 20.61 -36.25
CA ARG A 98 5.32 20.05 -37.38
C ARG A 98 4.00 20.77 -37.60
N LYS A 99 3.62 20.88 -38.86
CA LYS A 99 2.37 21.55 -39.23
C LYS A 99 1.19 20.79 -38.65
N ARG A 100 0.16 21.53 -38.27
CA ARG A 100 -1.04 20.93 -37.70
C ARG A 100 -2.23 21.36 -38.54
N THR A 101 -3.20 20.45 -38.69
CA THR A 101 -4.37 20.70 -39.52
C THR A 101 -5.70 20.37 -38.86
N GLY A 102 -5.71 20.29 -37.54
CA GLY A 102 -6.96 19.98 -36.84
C GLY A 102 -7.22 18.50 -36.69
N THR A 103 -6.27 17.66 -37.13
CA THR A 103 -6.41 16.21 -37.02
C THR A 103 -5.92 15.84 -35.62
N TYR A 104 -6.81 15.30 -34.81
CA TYR A 104 -6.52 14.98 -33.40
C TYR A 104 -5.15 14.42 -33.03
N PRO A 105 -4.68 13.37 -33.72
CA PRO A 105 -3.37 12.80 -33.38
C PRO A 105 -2.21 13.80 -33.42
N GLU A 106 -2.37 14.88 -34.17
CA GLU A 106 -1.32 15.89 -34.26
C GLU A 106 -1.20 16.63 -32.93
N TYR A 107 -2.27 16.57 -32.13
CA TYR A 107 -2.30 17.25 -30.86
C TYR A 107 -2.00 16.35 -29.67
N HIS A 108 -2.47 15.10 -29.69
CA HIS A 108 -2.21 14.22 -28.56
C HIS A 108 -1.02 13.29 -28.74
N SER A 109 -0.56 13.13 -29.97
CA SER A 109 0.58 12.26 -30.28
C SER A 109 1.52 12.92 -31.30
N GLY A 110 1.76 14.22 -31.12
CA GLY A 110 2.63 14.94 -32.03
C GLY A 110 3.87 15.46 -31.31
N ASP A 111 4.26 16.70 -31.59
CA ASP A 111 5.43 17.26 -30.94
C ASP A 111 5.10 18.41 -29.98
N ILE A 112 3.90 18.35 -29.40
CA ILE A 112 3.49 19.38 -28.44
C ILE A 112 2.95 18.72 -27.18
N ASN A 113 2.86 19.50 -26.10
CA ASN A 113 2.30 19.04 -24.85
C ASN A 113 1.14 19.98 -24.59
N ALA A 114 0.12 19.49 -23.88
CA ALA A 114 -1.03 20.33 -23.58
C ALA A 114 -2.07 19.55 -22.79
N LEU A 115 -2.88 20.29 -22.05
CA LEU A 115 -3.98 19.72 -21.31
C LEU A 115 -5.18 20.02 -22.20
N HIS A 116 -6.12 19.09 -22.31
CA HIS A 116 -7.31 19.34 -23.12
C HIS A 116 -8.54 18.78 -22.43
N LEU A 117 -9.54 19.64 -22.29
CA LEU A 117 -10.78 19.29 -21.61
C LEU A 117 -11.95 19.32 -22.57
N SER A 118 -12.55 18.16 -22.80
CA SER A 118 -13.69 18.07 -23.70
C SER A 118 -15.00 18.21 -22.94
N TYR A 119 -15.94 18.91 -23.55
CA TYR A 119 -17.26 19.12 -22.97
C TYR A 119 -18.28 19.10 -24.10
N PHE A 120 -19.54 18.89 -23.77
CA PHE A 120 -20.57 18.74 -24.80
C PHE A 120 -20.04 17.69 -25.78
N ARG A 121 -19.71 16.52 -25.24
CA ARG A 121 -19.20 15.42 -26.06
C ARG A 121 -20.42 14.71 -26.61
N ARG A 122 -20.87 15.14 -27.78
CA ARG A 122 -22.07 14.57 -28.40
C ARG A 122 -21.88 14.22 -29.88
N LYS A 123 -20.67 13.85 -30.27
CA LYS A 123 -20.37 13.51 -31.66
C LYS A 123 -20.84 12.09 -32.02
N TYR A 124 -20.58 11.13 -31.12
CA TYR A 124 -20.94 9.74 -31.36
C TYR A 124 -22.02 9.23 -30.40
N ALA A 125 -22.72 8.19 -30.83
CA ALA A 125 -23.79 7.60 -30.02
C ALA A 125 -23.32 7.22 -28.62
N GLU A 126 -22.15 6.59 -28.54
CA GLU A 126 -21.61 6.19 -27.24
C GLU A 126 -21.45 7.39 -26.32
N GLU A 127 -21.04 8.52 -26.88
CA GLU A 127 -20.83 9.72 -26.09
C GLU A 127 -22.17 10.31 -25.66
N ARG A 128 -23.12 10.34 -26.58
CA ARG A 128 -24.43 10.88 -26.24
C ARG A 128 -25.19 10.02 -25.22
N ALA A 129 -24.83 8.74 -25.15
CA ALA A 129 -25.48 7.81 -24.22
C ALA A 129 -25.09 7.98 -22.75
N PHE A 130 -23.96 8.64 -22.51
CA PHE A 130 -23.50 8.86 -21.14
C PHE A 130 -22.70 10.13 -21.23
N ARG A 131 -23.31 11.24 -20.82
CA ARG A 131 -22.70 12.55 -20.95
C ARG A 131 -21.76 13.01 -19.89
N THR A 132 -20.50 13.14 -20.29
CA THR A 132 -19.43 13.55 -19.39
C THR A 132 -18.50 14.56 -20.05
N CYS A 133 -17.64 15.13 -19.23
CA CYS A 133 -16.60 16.07 -19.67
C CYS A 133 -15.34 15.32 -19.29
N ASN A 134 -14.35 15.29 -20.17
CA ASN A 134 -13.11 14.55 -19.92
C ASN A 134 -11.87 15.45 -19.98
N LEU A 135 -10.93 15.23 -19.06
CA LEU A 135 -9.67 15.98 -19.05
C LEU A 135 -8.52 15.04 -19.39
N ARG A 136 -7.75 15.38 -20.41
CA ARG A 136 -6.60 14.56 -20.81
C ARG A 136 -5.34 15.38 -20.83
N LYS A 137 -4.19 14.70 -20.72
CA LYS A 137 -2.89 15.35 -20.74
C LYS A 137 -2.04 14.71 -21.82
N SER A 138 -1.50 15.53 -22.71
CA SER A 138 -0.65 15.06 -23.80
C SER A 138 0.68 15.81 -23.73
N ARG A 139 1.71 15.36 -24.46
CA ARG A 139 1.69 14.19 -25.34
C ARG A 139 1.37 12.91 -24.57
N GLY A 140 0.52 12.07 -25.14
CA GLY A 140 0.19 10.83 -24.48
C GLY A 140 -1.29 10.46 -24.40
N PHE A 141 -2.18 11.41 -24.64
CA PHE A 141 -3.62 11.12 -24.60
C PHE A 141 -4.01 10.47 -23.27
N HIS A 142 -3.35 10.86 -22.20
CA HIS A 142 -3.62 10.29 -20.88
C HIS A 142 -4.90 10.81 -20.24
N LEU A 143 -5.79 9.90 -19.87
CA LEU A 143 -7.05 10.31 -19.22
C LEU A 143 -6.72 10.67 -17.77
N ALA A 144 -6.95 11.93 -17.42
CA ALA A 144 -6.64 12.42 -16.07
C ALA A 144 -7.85 12.48 -15.14
N ALA A 145 -8.99 12.91 -15.66
CA ALA A 145 -10.19 13.02 -14.83
C ALA A 145 -11.43 13.14 -15.71
N GLY A 147 -16.05 13.95 -15.35
CA GLY A 147 -17.22 14.25 -14.53
C GLY A 147 -18.44 14.33 -15.42
N ALA A 148 -19.63 14.21 -14.84
CA ALA A 148 -20.86 14.27 -15.61
C ALA A 148 -21.01 15.67 -16.22
N ASP A 149 -21.63 15.75 -17.39
CA ASP A 149 -21.84 17.01 -18.11
C ASP A 149 -23.30 17.47 -18.00
N PRO A 150 -23.56 18.61 -17.32
CA PRO A 150 -24.92 19.14 -17.15
C PRO A 150 -25.48 19.85 -18.37
N LEU A 151 -24.64 20.10 -19.37
CA LEU A 151 -25.10 20.77 -20.58
C LEU A 151 -26.16 19.93 -21.29
N PRO A 152 -27.28 20.56 -21.65
CA PRO A 152 -28.35 19.82 -22.34
C PRO A 152 -28.10 19.81 -23.84
N SER A 153 -29.00 19.18 -24.57
CA SER A 153 -28.93 19.17 -26.02
C SER A 153 -29.43 20.57 -26.39
N PRO A 154 -29.13 21.05 -27.60
CA PRO A 154 -29.56 22.38 -28.02
C PRO A 154 -31.04 22.71 -27.85
N ASP A 155 -31.91 21.73 -28.08
CA ASP A 155 -33.34 21.96 -27.96
C ASP A 155 -33.80 22.47 -26.60
N ASP A 156 -33.13 22.05 -25.53
CA ASP A 156 -33.50 22.48 -24.18
C ASP A 156 -32.55 23.50 -23.57
N ALA A 157 -31.63 24.03 -24.35
CA ALA A 157 -30.66 25.00 -23.83
C ALA A 157 -31.23 26.34 -23.37
N ASP A 158 -30.59 26.91 -22.37
CA ASP A 158 -30.93 28.23 -21.84
C ASP A 158 -29.58 28.93 -21.84
N SER A 159 -29.05 29.11 -23.05
CA SER A 159 -27.74 29.72 -23.28
C SER A 159 -27.68 31.22 -23.03
N PRO A 160 -26.47 31.74 -22.76
CA PRO A 160 -25.22 30.97 -22.67
C PRO A 160 -24.93 30.38 -21.29
N TYR A 161 -23.94 29.50 -21.24
CA TYR A 161 -23.50 28.87 -20.00
C TYR A 161 -22.15 29.47 -19.61
N ARG A 162 -21.95 29.68 -18.30
CA ARG A 162 -20.72 30.28 -17.79
C ARG A 162 -19.67 29.21 -17.47
N LYS A 164 -15.82 28.02 -16.45
CA LYS A 164 -14.68 28.51 -15.67
C LYS A 164 -13.68 27.40 -15.41
N LEU A 165 -12.43 27.67 -15.75
CA LEU A 165 -11.35 26.71 -15.61
C LEU A 165 -10.19 27.28 -14.80
N ILE A 166 -9.73 26.53 -13.80
CA ILE A 166 -8.60 26.96 -12.99
C ILE A 166 -7.39 26.08 -13.32
N LYS A 167 -6.25 26.73 -13.54
CA LYS A 167 -4.99 26.03 -13.85
C LYS A 167 -3.91 26.64 -12.97
N ASP A 168 -3.40 25.86 -12.03
CA ASP A 168 -2.38 26.35 -11.11
C ASP A 168 -1.41 25.21 -10.81
N LYS A 169 -0.34 25.18 -11.60
CA LYS A 169 0.66 24.12 -11.50
C LYS A 169 -0.03 22.78 -11.70
N GLY A 170 0.08 21.86 -10.75
CA GLY A 170 -0.55 20.57 -10.95
C GLY A 170 -2.07 20.54 -10.82
N TYR A 171 -2.65 21.61 -10.27
CA TYR A 171 -4.09 21.67 -10.06
C TYR A 171 -4.95 22.20 -11.21
N VAL A 172 -6.04 21.47 -11.49
CA VAL A 172 -7.01 21.85 -12.53
C VAL A 172 -8.42 21.66 -11.95
N HIS A 173 -9.28 22.66 -12.16
CA HIS A 173 -10.66 22.59 -11.69
C HIS A 173 -11.56 23.19 -12.78
N PHE A 174 -12.69 22.54 -13.01
CA PHE A 174 -13.62 22.97 -14.05
C PHE A 174 -15.05 23.04 -13.51
N SER A 175 -15.74 24.14 -13.83
CA SER A 175 -17.12 24.32 -13.38
C SER A 175 -17.96 24.92 -14.51
N ILE A 176 -19.26 24.68 -14.43
CA ILE A 176 -20.22 25.22 -15.40
C ILE A 176 -21.36 25.83 -14.59
N ASN A 177 -21.61 27.12 -14.83
CA ASN A 177 -22.63 27.84 -14.10
C ASN A 177 -22.38 27.70 -12.59
N GLY A 178 -21.10 27.64 -12.24
CA GLY A 178 -20.71 27.53 -10.82
C GLY A 178 -20.72 26.13 -10.24
N LEU A 179 -21.24 25.15 -10.98
CA LEU A 179 -21.29 23.77 -10.50
C LEU A 179 -19.97 23.07 -10.79
N PRO A 180 -19.29 22.56 -9.76
CA PRO A 180 -18.02 21.87 -10.02
C PRO A 180 -18.29 20.65 -10.89
N ILE A 181 -17.48 20.46 -11.93
CA ILE A 181 -17.64 19.35 -12.85
C ILE A 181 -16.57 18.29 -12.62
N LEU A 182 -15.32 18.73 -12.53
CA LEU A 182 -14.22 17.81 -12.27
C LEU A 182 -13.02 18.59 -11.73
N GLU A 183 -12.09 17.88 -11.10
CA GLU A 183 -10.88 18.52 -10.58
C GLU A 183 -9.76 17.49 -10.60
N TRP A 184 -8.53 17.96 -10.68
CA TRP A 184 -7.39 17.05 -10.77
C TRP A 184 -6.11 17.65 -10.22
N ASP A 186 -2.18 16.93 -10.67
CA ASP A 186 -1.10 16.23 -11.34
C ASP A 186 0.06 16.14 -10.35
N ASP A 187 0.54 14.92 -10.08
CA ASP A 187 1.65 14.76 -9.13
C ASP A 187 3.00 14.98 -9.81
N GLY A 188 2.98 15.08 -11.13
CA GLY A 188 4.21 15.32 -11.89
C GLY A 188 5.13 14.13 -12.08
N SER A 189 4.67 12.94 -11.72
CA SER A 189 5.49 11.74 -11.86
C SER A 189 4.69 10.54 -12.37
N THR A 190 3.50 10.81 -12.91
CA THR A 190 2.66 9.75 -13.44
C THR A 190 2.59 9.89 -14.96
N TYR A 191 2.28 11.11 -15.41
CA TYR A 191 2.20 11.40 -16.85
C TYR A 191 3.17 12.52 -17.21
N GLY A 192 4.39 12.43 -16.70
CA GLY A 192 5.41 13.42 -17.01
C GLY A 192 5.32 14.67 -16.16
N PRO A 193 6.28 15.59 -16.31
CA PRO A 193 6.30 16.85 -15.56
C PRO A 193 5.02 17.66 -15.70
N VAL A 194 4.72 18.42 -14.66
CA VAL A 194 3.53 19.26 -14.67
C VAL A 194 3.67 20.33 -15.75
N LEU A 195 2.59 20.56 -16.50
CA LEU A 195 2.62 21.58 -17.55
C LEU A 195 2.36 22.93 -16.89
N THR A 196 2.94 23.99 -17.44
CA THR A 196 2.79 25.30 -16.82
C THR A 196 2.10 26.34 -17.71
N LYS A 197 2.90 27.08 -18.47
CA LYS A 197 2.40 28.13 -19.35
C LYS A 197 2.10 27.60 -20.75
N GLY A 198 1.45 28.42 -21.57
CA GLY A 198 1.15 27.98 -22.92
C GLY A 198 -0.05 28.65 -23.58
N LYS A 199 -0.38 28.21 -24.78
CA LYS A 199 -1.50 28.78 -25.51
C LYS A 199 -2.81 28.09 -25.13
N ILE A 200 -3.92 28.77 -25.42
CA ILE A 200 -5.26 28.25 -25.18
C ILE A 200 -5.94 28.18 -26.55
N GLY A 201 -6.61 27.06 -26.81
CA GLY A 201 -7.27 26.89 -28.10
C GLY A 201 -8.66 26.28 -27.99
N PHE A 202 -9.48 26.54 -29.00
CA PHE A 202 -10.84 26.05 -29.06
C PHE A 202 -11.01 25.03 -30.16
N ARG A 203 -11.30 23.77 -29.79
CA ARG A 203 -11.49 22.73 -30.77
C ARG A 203 -12.95 22.32 -30.90
N GLN A 204 -13.34 21.90 -32.10
CA GLN A 204 -14.68 21.42 -32.34
C GLN A 204 -14.59 20.27 -33.32
N ALA A 206 -16.62 18.47 -36.19
CA ALA A 206 -17.74 18.76 -37.06
C ALA A 206 -18.80 17.69 -36.82
N PRO A 207 -20.07 18.00 -37.08
CA PRO A 207 -20.64 19.26 -37.57
C PRO A 207 -21.12 20.24 -36.49
N LYS A 209 -21.98 23.23 -34.08
CA LYS A 209 -22.24 24.65 -34.29
C LYS A 209 -22.41 25.22 -32.89
N ALA A 210 -21.57 26.20 -32.55
CA ALA A 210 -21.60 26.80 -31.22
C ALA A 210 -21.25 28.28 -31.26
N VAL A 211 -21.65 28.99 -30.21
CA VAL A 211 -21.38 30.42 -30.09
C VAL A 211 -20.55 30.68 -28.84
N TYR A 212 -19.53 31.51 -28.97
CA TYR A 212 -18.66 31.85 -27.85
C TYR A 212 -18.61 33.36 -27.64
N ARG A 213 -18.49 33.77 -26.39
CA ARG A 213 -18.42 35.19 -26.04
C ARG A 213 -17.61 35.43 -24.78
N ASP A 214 -17.12 36.66 -24.62
CA ASP A 214 -16.36 37.10 -23.45
C ASP A 214 -15.34 36.12 -22.89
N PHE A 215 -14.30 35.86 -23.67
CA PHE A 215 -13.21 34.98 -23.29
C PHE A 215 -12.22 35.80 -22.46
N ALA A 216 -11.99 35.40 -21.22
CA ALA A 216 -11.07 36.15 -20.36
C ALA A 216 -10.15 35.26 -19.54
N VAL A 217 -9.00 35.81 -19.17
CA VAL A 217 -8.00 35.11 -18.36
C VAL A 217 -7.58 36.02 -17.22
N HIS A 218 -7.75 35.55 -15.98
CA HIS A 218 -7.37 36.30 -14.80
C HIS A 218 -6.33 35.51 -14.02
N GLN A 219 -5.59 36.21 -13.16
CA GLN A 219 -4.59 35.56 -12.32
C GLN A 219 -5.36 34.71 -11.32
N ALA A 220 -4.86 33.52 -11.01
CA ALA A 220 -5.53 32.66 -10.04
C ALA A 220 -4.98 32.96 -8.64
N VAL A 221 -5.87 33.30 -7.72
CA VAL A 221 -5.46 33.61 -6.36
C VAL A 221 -5.91 32.50 -5.43
N ARG A 222 -4.95 31.74 -4.91
CA ARG A 222 -5.26 30.64 -4.02
C ARG A 222 -5.44 31.14 -2.60
N ARG A 223 -6.57 30.79 -1.99
CA ARG A 223 -6.86 31.19 -0.61
C ARG A 223 -6.47 30.07 0.36
N TYR B 5 16.91 -1.34 0.94
CA TYR B 5 16.77 -0.31 -0.08
C TYR B 5 15.72 0.73 0.23
N LYS B 6 15.73 1.79 -0.57
CA LYS B 6 14.76 2.88 -0.47
C LYS B 6 14.48 3.26 -1.92
N GLU B 7 13.25 3.67 -2.20
CA GLU B 7 12.91 4.05 -3.57
C GLU B 7 13.53 5.38 -3.95
N GLY B 8 14.10 5.44 -5.15
CA GLY B 8 14.70 6.66 -5.64
C GLY B 8 13.72 7.33 -6.59
N ALA B 9 14.21 7.81 -7.72
CA ALA B 9 13.37 8.47 -8.70
C ALA B 9 12.34 7.52 -9.32
N CYS B 10 11.14 8.05 -9.60
CA CYS B 10 10.10 7.25 -10.22
C CYS B 10 10.34 7.26 -11.72
N LEU B 11 10.69 6.10 -12.27
CA LEU B 11 10.97 6.00 -13.70
C LEU B 11 9.71 5.75 -14.52
N TYR B 12 8.69 5.20 -13.87
CA TYR B 12 7.46 4.85 -14.55
C TYR B 12 6.36 4.62 -13.53
N ARG B 13 5.18 5.13 -13.80
CA ARG B 13 4.03 4.95 -12.92
C ARG B 13 2.79 4.85 -13.78
N ASN B 14 2.15 3.68 -13.75
CA ASN B 14 0.95 3.44 -14.55
C ASN B 14 -0.23 3.08 -13.65
N PRO B 15 -1.18 4.02 -13.48
CA PRO B 15 -2.33 3.73 -12.62
C PRO B 15 -3.22 2.57 -13.11
N LEU B 16 -3.11 2.24 -14.40
CA LEU B 16 -3.90 1.16 -14.99
C LEU B 16 -5.40 1.35 -14.74
N ARG B 17 -5.86 2.57 -14.99
CA ARG B 17 -7.26 2.91 -14.78
C ARG B 17 -8.08 3.06 -16.06
N SER B 18 -7.43 3.23 -17.20
CA SER B 18 -8.15 3.38 -18.46
C SER B 18 -7.44 2.73 -19.64
N LYS B 19 -8.15 2.60 -20.77
CA LYS B 19 -7.57 2.01 -21.96
C LYS B 19 -6.29 2.74 -22.38
N SER B 20 -6.28 4.07 -22.24
CA SER B 20 -5.11 4.85 -22.63
C SER B 20 -3.86 4.45 -21.84
N ASP B 21 -4.06 3.87 -20.66
CA ASP B 21 -2.92 3.46 -19.85
C ASP B 21 -2.15 2.27 -20.43
N VAL B 22 -2.81 1.44 -21.24
CA VAL B 22 -2.12 0.28 -21.81
C VAL B 22 -1.85 0.42 -23.30
N LYS B 23 -1.76 1.67 -23.76
CA LYS B 23 -1.46 1.93 -25.15
C LYS B 23 -0.04 1.44 -25.39
N ASP B 24 0.17 0.74 -26.50
CA ASP B 24 1.48 0.22 -26.85
C ASP B 24 1.88 -1.05 -26.09
N TRP B 25 1.04 -1.52 -25.19
CA TRP B 25 1.32 -2.76 -24.47
C TRP B 25 1.11 -3.90 -25.47
N ARG B 26 1.86 -4.99 -25.31
CA ARG B 26 1.78 -6.12 -26.23
C ARG B 26 1.18 -7.38 -25.63
N GLU B 28 0.37 -11.21 -25.87
CA GLU B 28 0.79 -12.45 -26.54
C GLU B 28 -0.02 -13.57 -25.92
N GLY B 29 -1.03 -14.05 -26.64
CA GLY B 29 -1.88 -15.11 -26.13
C GLY B 29 -3.34 -14.68 -26.04
N GLY B 30 -4.20 -15.58 -25.58
CA GLY B 30 -5.62 -15.27 -25.49
C GLY B 30 -6.12 -14.50 -24.28
N GLY B 31 -5.46 -13.40 -23.95
CA GLY B 31 -5.90 -12.60 -22.81
C GLY B 31 -6.95 -11.59 -23.19
N GLN B 32 -7.83 -11.26 -22.25
CA GLN B 32 -8.89 -10.28 -22.46
C GLN B 32 -8.72 -9.16 -21.46
N ILE B 33 -8.79 -7.92 -21.94
CA ILE B 33 -8.63 -6.74 -21.10
C ILE B 33 -9.95 -6.03 -20.84
N SER B 34 -10.14 -5.55 -19.61
CA SER B 34 -11.34 -4.83 -19.23
C SER B 34 -11.03 -3.80 -18.15
N PHE B 35 -11.46 -2.56 -18.37
CA PHE B 35 -11.25 -1.46 -17.43
C PHE B 35 -12.59 -1.00 -16.86
N ASP B 36 -13.57 -1.88 -16.87
CA ASP B 36 -14.91 -1.54 -16.39
C ASP B 36 -14.94 -0.87 -15.01
N ASP B 37 -14.08 -1.31 -14.10
CA ASP B 37 -14.08 -0.74 -12.76
C ASP B 37 -12.92 0.22 -12.52
N HIS B 38 -12.40 0.82 -13.59
CA HIS B 38 -11.28 1.76 -13.50
C HIS B 38 -10.02 1.07 -12.98
N SER B 39 -9.82 -0.16 -13.42
CA SER B 39 -8.66 -0.96 -13.05
C SER B 39 -8.46 -2.00 -14.14
N LEU B 40 -7.25 -2.53 -14.25
CA LEU B 40 -6.95 -3.52 -15.27
C LEU B 40 -7.43 -4.91 -14.86
N HIS B 41 -8.50 -5.37 -15.49
CA HIS B 41 -9.04 -6.70 -15.22
C HIS B 41 -8.56 -7.61 -16.35
N LEU B 42 -7.90 -8.71 -16.00
CA LEU B 42 -7.42 -9.64 -17.02
C LEU B 42 -8.04 -11.03 -16.89
N SER B 43 -8.59 -11.52 -18.00
CA SER B 43 -9.21 -12.84 -18.05
C SER B 43 -8.79 -13.52 -19.35
N HIS B 44 -9.38 -14.67 -19.65
CA HIS B 44 -9.02 -15.42 -20.85
C HIS B 44 -10.21 -15.71 -21.77
N VAL B 45 -9.95 -15.69 -23.08
CA VAL B 45 -10.99 -15.93 -24.09
C VAL B 45 -11.45 -17.37 -24.19
N GLN B 46 -10.52 -18.30 -24.03
CA GLN B 46 -10.86 -19.71 -24.13
C GLN B 46 -10.22 -20.53 -23.04
N ASP B 47 -10.51 -21.83 -23.07
CA ASP B 47 -9.95 -22.74 -22.10
C ASP B 47 -8.46 -22.84 -22.42
N GLU B 48 -7.65 -22.79 -21.37
CA GLU B 48 -6.20 -22.89 -21.51
C GLU B 48 -5.54 -21.84 -22.38
N ALA B 49 -6.20 -20.70 -22.60
CA ALA B 49 -5.64 -19.63 -23.42
C ALA B 49 -4.69 -18.75 -22.61
N HIS B 50 -3.54 -19.30 -22.26
CA HIS B 50 -2.53 -18.60 -21.47
C HIS B 50 -1.92 -17.43 -22.23
N PHE B 51 -1.41 -16.44 -21.50
CA PHE B 51 -0.84 -15.28 -22.15
C PHE B 51 0.24 -14.57 -21.35
N VAL B 52 0.87 -13.61 -22.01
CA VAL B 52 1.87 -12.74 -21.39
C VAL B 52 1.53 -11.36 -21.96
N PHE B 53 1.24 -10.41 -21.08
CA PHE B 53 0.86 -9.05 -21.46
C PHE B 53 2.05 -8.16 -21.11
N TRP B 54 2.76 -7.67 -22.13
CA TRP B 54 3.96 -6.85 -21.92
C TRP B 54 3.86 -5.33 -21.91
N CYS B 55 4.59 -4.72 -20.98
CA CYS B 55 4.70 -3.27 -20.91
C CYS B 55 5.74 -3.03 -22.01
N PRO B 56 5.57 -1.99 -22.83
CA PRO B 56 6.55 -1.75 -23.90
C PRO B 56 7.93 -1.17 -23.56
N GLU B 57 8.06 -0.55 -22.39
CA GLU B 57 9.34 0.07 -22.05
C GLU B 57 10.42 -0.81 -21.45
N THR B 58 11.66 -0.54 -21.85
CA THR B 58 12.81 -1.27 -21.33
C THR B 58 13.18 -0.59 -20.02
N PHE B 59 13.21 -1.36 -18.93
CA PHE B 59 13.59 -0.80 -17.64
C PHE B 59 15.02 -1.20 -17.33
N PRO B 60 15.76 -0.32 -16.65
CA PRO B 60 17.15 -0.60 -16.30
C PRO B 60 17.26 -1.57 -15.15
N ASP B 61 18.49 -1.98 -14.85
CA ASP B 61 18.74 -2.86 -13.72
C ASP B 61 18.69 -1.89 -12.54
N GLY B 62 18.64 -2.42 -11.31
CA GLY B 62 18.60 -1.56 -10.14
C GLY B 62 17.27 -0.86 -9.96
N ILE B 63 16.20 -1.65 -9.88
CA ILE B 63 14.86 -1.08 -9.75
C ILE B 63 14.01 -1.75 -8.67
N ILE B 64 12.97 -1.02 -8.27
CA ILE B 64 12.01 -1.52 -7.29
C ILE B 64 10.68 -1.48 -8.05
N VAL B 65 10.07 -2.65 -8.20
CA VAL B 65 8.81 -2.77 -8.94
C VAL B 65 7.66 -3.03 -7.98
N THR B 66 6.61 -2.23 -8.08
CA THR B 66 5.45 -2.41 -7.22
C THR B 66 4.14 -2.40 -7.99
N TRP B 67 3.15 -3.09 -7.46
CA TRP B 67 1.83 -3.12 -8.07
C TRP B 67 0.81 -3.69 -7.09
N ASP B 68 -0.44 -3.33 -7.28
CA ASP B 68 -1.51 -3.83 -6.42
C ASP B 68 -2.16 -4.99 -7.16
N PHE B 69 -2.37 -6.09 -6.44
CA PHE B 69 -2.93 -7.31 -7.02
C PHE B 69 -4.19 -7.79 -6.30
N SER B 70 -5.21 -8.15 -7.07
CA SER B 70 -6.45 -8.66 -6.49
C SER B 70 -6.86 -9.93 -7.21
N PRO B 71 -6.76 -11.09 -6.53
CA PRO B 71 -7.16 -12.35 -7.16
C PRO B 71 -8.69 -12.45 -7.18
N ILE B 72 -9.28 -12.50 -8.37
CA ILE B 72 -10.74 -12.53 -8.48
C ILE B 72 -11.36 -13.93 -8.61
N GLU B 73 -10.75 -14.79 -9.41
CA GLU B 73 -11.30 -16.12 -9.61
C GLU B 73 -10.23 -17.12 -9.99
N GLN B 74 -10.35 -18.34 -9.44
CA GLN B 74 -9.42 -19.43 -9.71
C GLN B 74 -10.25 -20.58 -10.27
N PRO B 75 -9.60 -21.66 -10.76
CA PRO B 75 -8.17 -21.93 -10.85
C PRO B 75 -7.43 -20.94 -11.73
N GLY B 76 -6.11 -20.90 -11.57
CA GLY B 76 -5.31 -19.99 -12.36
C GLY B 76 -3.96 -19.80 -11.72
N LEU B 77 -3.09 -19.08 -12.41
CA LEU B 77 -1.76 -18.81 -11.91
C LEU B 77 -1.28 -17.50 -12.50
N CYS B 78 -0.54 -16.73 -11.71
CA CYS B 78 -0.01 -15.46 -12.17
C CYS B 78 1.52 -15.49 -12.14
N LEU B 80 5.11 -12.79 -13.03
CA LEU B 80 5.66 -11.54 -13.53
C LEU B 80 7.02 -11.79 -14.16
N PHE B 81 7.18 -11.36 -15.41
CA PHE B 81 8.45 -11.49 -16.10
C PHE B 81 9.16 -10.15 -15.96
N PHE B 82 10.47 -10.19 -15.75
CA PHE B 82 11.24 -8.96 -15.65
C PHE B 82 12.66 -9.22 -16.15
N ALA B 83 13.36 -8.15 -16.49
CA ALA B 83 14.71 -8.24 -17.04
C ALA B 83 14.67 -9.09 -18.31
N ALA B 84 13.58 -8.98 -19.06
CA ALA B 84 13.40 -9.76 -20.27
C ALA B 84 13.98 -9.11 -21.52
N ALA B 85 14.77 -9.88 -22.26
CA ALA B 85 15.39 -9.41 -23.49
C ALA B 85 15.83 -10.61 -24.31
N GLY B 86 16.23 -10.36 -25.56
CA GLY B 86 16.69 -11.45 -26.40
C GLY B 86 17.95 -12.06 -25.82
N ILE B 87 18.22 -13.32 -26.13
CA ILE B 87 19.40 -13.99 -25.59
C ILE B 87 20.69 -13.27 -25.95
N ARG B 88 20.67 -12.46 -27.01
CA ARG B 88 21.85 -11.71 -27.41
C ARG B 88 21.69 -10.22 -27.14
N GLY B 89 20.84 -9.90 -26.17
CA GLY B 89 20.61 -8.51 -25.79
C GLY B 89 19.63 -7.74 -26.65
N GLU B 90 19.02 -8.40 -27.63
CA GLU B 90 18.07 -7.73 -28.51
C GLU B 90 16.86 -7.24 -27.74
N ASP B 91 16.25 -6.17 -28.24
CA ASP B 91 15.05 -5.64 -27.61
C ASP B 91 14.02 -6.76 -27.77
N LEU B 92 13.23 -7.00 -26.73
CA LEU B 92 12.25 -8.07 -26.74
C LEU B 92 11.30 -8.09 -27.94
N PHE B 93 11.09 -6.94 -28.56
CA PHE B 93 10.18 -6.90 -29.71
C PHE B 93 10.89 -6.72 -31.04
N ASP B 94 12.18 -7.06 -31.05
CA ASP B 94 13.00 -7.00 -32.25
C ASP B 94 12.43 -8.03 -33.22
N PRO B 95 12.26 -7.66 -34.48
CA PRO B 95 11.71 -8.57 -35.49
C PRO B 95 12.60 -9.79 -35.79
N SER B 96 13.83 -9.78 -35.29
CA SER B 96 14.74 -10.89 -35.52
C SER B 96 14.44 -12.03 -34.56
N LEU B 97 13.64 -11.76 -33.53
CA LEU B 97 13.28 -12.77 -32.55
C LEU B 97 12.04 -13.54 -33.00
N ARG B 98 11.95 -14.79 -32.57
CA ARG B 98 10.82 -15.65 -32.91
C ARG B 98 9.51 -15.09 -32.39
N LYS B 99 8.44 -15.33 -33.13
CA LYS B 99 7.11 -14.86 -32.75
C LYS B 99 6.67 -15.62 -31.50
N ARG B 100 5.99 -14.92 -30.59
CA ARG B 100 5.51 -15.54 -29.36
C ARG B 100 3.99 -15.48 -29.31
N THR B 101 3.39 -16.48 -28.67
CA THR B 101 1.93 -16.57 -28.58
C THR B 101 1.38 -16.91 -27.19
N GLY B 102 2.16 -16.65 -26.15
CA GLY B 102 1.70 -16.95 -24.81
C GLY B 102 1.95 -18.38 -24.34
N THR B 103 2.61 -19.19 -25.16
CA THR B 103 2.89 -20.57 -24.79
C THR B 103 4.21 -20.60 -24.02
N TYR B 104 4.15 -21.11 -22.80
CA TYR B 104 5.31 -21.13 -21.91
C TYR B 104 6.71 -21.45 -22.45
N PRO B 105 6.85 -22.52 -23.24
CA PRO B 105 8.18 -22.85 -23.78
C PRO B 105 8.84 -21.76 -24.61
N GLU B 106 8.02 -20.87 -25.18
CA GLU B 106 8.53 -19.76 -25.99
C GLU B 106 9.22 -18.75 -25.09
N TYR B 107 8.90 -18.80 -23.80
CA TYR B 107 9.47 -17.87 -22.83
C TYR B 107 10.63 -18.44 -22.03
N HIS B 108 10.61 -19.75 -21.76
CA HIS B 108 11.70 -20.34 -21.00
C HIS B 108 12.65 -21.16 -21.85
N SER B 109 12.23 -21.52 -23.06
CA SER B 109 13.07 -22.31 -23.95
C SER B 109 13.05 -21.81 -25.38
N GLY B 110 13.02 -20.48 -25.53
CA GLY B 110 13.00 -19.88 -26.86
C GLY B 110 14.27 -19.09 -27.11
N ASP B 111 14.13 -17.87 -27.61
CA ASP B 111 15.31 -17.05 -27.87
C ASP B 111 15.41 -15.80 -26.99
N ILE B 112 14.80 -15.83 -25.81
CA ILE B 112 14.87 -14.70 -24.89
C ILE B 112 15.33 -15.19 -23.51
N ASN B 113 15.80 -14.27 -22.69
CA ASN B 113 16.18 -14.57 -21.32
C ASN B 113 15.27 -13.70 -20.47
N ALA B 114 15.04 -14.12 -19.22
CA ALA B 114 14.21 -13.36 -18.30
C ALA B 114 14.08 -14.04 -16.96
N LEU B 115 13.76 -13.25 -15.95
CA LEU B 115 13.53 -13.78 -14.62
C LEU B 115 12.00 -13.79 -14.54
N HIS B 116 11.43 -14.79 -13.88
CA HIS B 116 9.98 -14.81 -13.77
C HIS B 116 9.58 -15.30 -12.39
N LEU B 117 8.74 -14.49 -11.76
CA LEU B 117 8.24 -14.75 -10.41
C LEU B 117 6.79 -15.20 -10.47
N SER B 118 6.55 -16.42 -10.03
CA SER B 118 5.19 -16.98 -10.02
C SER B 118 4.56 -16.82 -8.64
N TYR B 119 3.32 -16.36 -8.61
CA TYR B 119 2.58 -16.19 -7.36
C TYR B 119 1.11 -16.54 -7.61
N PHE B 120 0.38 -16.82 -6.54
CA PHE B 120 -1.00 -17.29 -6.65
C PHE B 120 -0.98 -18.48 -7.61
N ARG B 121 -0.14 -19.46 -7.29
CA ARG B 121 -0.02 -20.67 -8.10
C ARG B 121 -1.14 -21.61 -7.67
N ARG B 122 -2.31 -21.46 -8.31
CA ARG B 122 -3.48 -22.27 -7.96
C ARG B 122 -4.14 -22.92 -9.19
N LYS B 123 -3.35 -23.26 -10.19
CA LYS B 123 -3.88 -23.86 -11.42
C LYS B 123 -4.15 -25.36 -11.30
N TYR B 124 -3.21 -26.08 -10.67
CA TYR B 124 -3.35 -27.53 -10.51
C TYR B 124 -3.56 -27.94 -9.06
N ALA B 125 -4.14 -29.12 -8.87
CA ALA B 125 -4.42 -29.64 -7.54
C ALA B 125 -3.16 -29.68 -6.68
N GLU B 126 -2.05 -30.11 -7.26
CA GLU B 126 -0.80 -30.17 -6.51
C GLU B 126 -0.33 -28.80 -6.03
N GLU B 127 -0.56 -27.77 -6.84
CA GLU B 127 -0.17 -26.41 -6.47
C GLU B 127 -1.07 -25.90 -5.35
N ARG B 128 -2.37 -26.19 -5.46
CA ARG B 128 -3.32 -25.74 -4.45
C ARG B 128 -3.14 -26.44 -3.09
N ALA B 129 -2.46 -27.58 -3.09
CA ALA B 129 -2.23 -28.35 -1.87
C ALA B 129 -1.07 -27.84 -1.00
N PHE B 130 -0.22 -27.00 -1.58
CA PHE B 130 0.92 -26.43 -0.86
C PHE B 130 1.18 -25.09 -1.55
N ARG B 131 0.67 -24.03 -0.93
CA ARG B 131 0.72 -22.66 -1.45
C ARG B 131 2.08 -21.98 -1.42
N THR B 132 2.72 -21.85 -2.59
CA THR B 132 4.05 -21.24 -2.69
C THR B 132 4.20 -20.27 -3.87
N CYS B 133 5.28 -19.49 -3.82
CA CYS B 133 5.67 -18.54 -4.87
C CYS B 133 7.06 -19.02 -5.23
N ASN B 134 7.49 -18.80 -6.46
CA ASN B 134 8.84 -19.20 -6.81
C ASN B 134 9.43 -18.27 -7.84
N LEU B 135 10.76 -18.19 -7.85
CA LEU B 135 11.48 -17.35 -8.78
C LEU B 135 12.31 -18.26 -9.67
N ARG B 136 12.24 -18.02 -10.99
CA ARG B 136 13.01 -18.81 -11.93
C ARG B 136 13.80 -17.92 -12.88
N LYS B 137 14.83 -18.51 -13.48
CA LYS B 137 15.68 -17.79 -14.43
C LYS B 137 15.69 -18.56 -15.75
N SER B 138 15.40 -17.86 -16.85
CA SER B 138 15.40 -18.46 -18.19
C SER B 138 16.35 -17.67 -19.09
N ARG B 139 16.79 -18.24 -20.20
CA ARG B 139 16.44 -19.59 -20.65
C ARG B 139 16.85 -20.67 -19.66
N GLY B 140 16.06 -21.74 -19.58
CA GLY B 140 16.41 -22.82 -18.67
C GLY B 140 15.37 -23.15 -17.63
N PHE B 141 14.47 -22.21 -17.34
CA PHE B 141 13.42 -22.46 -16.35
C PHE B 141 14.07 -22.91 -15.02
N HIS B 142 15.25 -22.37 -14.71
CA HIS B 142 15.98 -22.72 -13.50
C HIS B 142 15.36 -22.17 -12.22
N LEU B 143 15.15 -23.03 -11.24
CA LEU B 143 14.58 -22.61 -9.96
C LEU B 143 15.62 -21.85 -9.15
N ALA B 144 15.35 -20.57 -8.89
CA ALA B 144 16.28 -19.74 -8.13
C ALA B 144 15.95 -19.71 -6.64
N ALA B 145 14.66 -19.62 -6.33
CA ALA B 145 14.22 -19.57 -4.95
C ALA B 145 12.72 -19.79 -4.85
N GLY B 147 9.17 -19.75 -1.79
CA GLY B 147 8.70 -19.42 -0.46
C GLY B 147 7.20 -19.58 -0.39
N ALA B 148 6.67 -19.69 0.83
CA ALA B 148 5.23 -19.85 1.01
C ALA B 148 4.51 -18.61 0.50
N ASP B 149 3.27 -18.80 0.06
CA ASP B 149 2.44 -17.72 -0.49
C ASP B 149 1.27 -17.41 0.46
N PRO B 150 1.27 -16.21 1.05
CA PRO B 150 0.22 -15.77 1.98
C PRO B 150 -1.10 -15.38 1.32
N LEU B 151 -1.11 -15.28 0.00
CA LEU B 151 -2.35 -14.90 -0.71
C LEU B 151 -3.44 -15.95 -0.51
N PRO B 152 -4.64 -15.53 -0.10
CA PRO B 152 -5.76 -16.46 0.13
C PRO B 152 -6.46 -16.80 -1.16
N SER B 153 -7.45 -17.68 -1.07
CA SER B 153 -8.26 -18.01 -2.23
C SER B 153 -9.17 -16.77 -2.35
N PRO B 154 -9.77 -16.53 -3.53
CA PRO B 154 -10.64 -15.36 -3.70
C PRO B 154 -11.74 -15.13 -2.67
N ASP B 155 -12.36 -16.20 -2.21
CA ASP B 155 -13.43 -16.11 -1.23
C ASP B 155 -13.02 -15.42 0.09
N ASP B 156 -11.74 -15.47 0.43
CA ASP B 156 -11.24 -14.87 1.66
C ASP B 156 -10.40 -13.61 1.43
N ALA B 157 -10.29 -13.18 0.18
CA ALA B 157 -9.47 -12.01 -0.14
C ALA B 157 -9.98 -10.67 0.36
N ASP B 158 -9.03 -9.85 0.82
CA ASP B 158 -9.30 -8.49 1.27
C ASP B 158 -8.30 -7.72 0.41
N SER B 159 -8.65 -7.59 -0.87
CA SER B 159 -7.81 -6.93 -1.86
C SER B 159 -7.90 -5.41 -1.91
N PRO B 160 -6.88 -4.76 -2.51
CA PRO B 160 -5.72 -5.41 -3.11
C PRO B 160 -4.56 -5.72 -2.15
N TYR B 161 -3.55 -6.42 -2.67
CA TYR B 161 -2.35 -6.77 -1.91
C TYR B 161 -1.20 -6.04 -2.58
N ARG B 162 -0.29 -5.51 -1.76
CA ARG B 162 0.85 -4.74 -2.25
C ARG B 162 2.04 -5.62 -2.59
N LYS B 164 5.83 -6.14 -4.08
CA LYS B 164 7.06 -5.36 -4.19
C LYS B 164 8.23 -6.26 -4.56
N LEU B 165 8.90 -5.92 -5.67
CA LEU B 165 10.02 -6.70 -6.17
C LEU B 165 11.26 -5.83 -6.36
N ILE B 166 12.40 -6.29 -5.82
CA ILE B 166 13.66 -5.55 -5.96
C ILE B 166 14.58 -6.31 -6.90
N LYS B 167 15.17 -5.60 -7.86
CA LYS B 167 16.09 -6.19 -8.81
C LYS B 167 17.34 -5.33 -8.89
N ASP B 168 18.45 -5.87 -8.42
CA ASP B 168 19.72 -5.14 -8.44
C ASP B 168 20.83 -6.12 -8.76
N LYS B 169 21.17 -6.18 -10.05
CA LYS B 169 22.19 -7.09 -10.52
C LYS B 169 21.79 -8.51 -10.11
N GLY B 170 22.68 -9.23 -9.43
CA GLY B 170 22.33 -10.59 -9.04
C GLY B 170 21.27 -10.70 -7.98
N TYR B 171 21.00 -9.60 -7.28
CA TYR B 171 20.03 -9.60 -6.18
C TYR B 171 18.56 -9.43 -6.53
N VAL B 172 17.72 -10.26 -5.92
CA VAL B 172 16.27 -10.19 -6.10
C VAL B 172 15.60 -10.44 -4.76
N HIS B 173 14.61 -9.60 -4.43
CA HIS B 173 13.88 -9.74 -3.19
C HIS B 173 12.41 -9.51 -3.53
N PHE B 174 11.53 -10.32 -2.93
CA PHE B 174 10.11 -10.22 -3.19
C PHE B 174 9.33 -10.23 -1.88
N SER B 175 8.35 -9.34 -1.78
CA SER B 175 7.52 -9.27 -0.58
C SER B 175 6.08 -8.95 -0.95
N ILE B 176 5.16 -9.29 -0.06
CA ILE B 176 3.74 -9.02 -0.24
C ILE B 176 3.25 -8.38 1.06
N ASN B 177 2.67 -7.20 0.95
CA ASN B 177 2.18 -6.47 2.14
C ASN B 177 3.34 -6.26 3.11
N GLY B 178 4.55 -6.11 2.58
CA GLY B 178 5.70 -5.89 3.42
C GLY B 178 6.36 -7.15 3.99
N LEU B 179 5.70 -8.29 3.82
CA LEU B 179 6.24 -9.55 4.33
C LEU B 179 7.19 -10.21 3.32
N PRO B 180 8.46 -10.42 3.71
CA PRO B 180 9.41 -11.04 2.79
C PRO B 180 8.91 -12.42 2.39
N ILE B 181 8.95 -12.72 1.10
CA ILE B 181 8.49 -14.01 0.60
C ILE B 181 9.68 -14.87 0.17
N LEU B 182 10.60 -14.28 -0.59
CA LEU B 182 11.79 -15.00 -1.04
C LEU B 182 12.91 -14.01 -1.39
N GLU B 183 14.13 -14.51 -1.42
CA GLU B 183 15.30 -13.68 -1.70
C GLU B 183 16.27 -14.54 -2.51
N TRP B 184 17.08 -13.88 -3.34
CA TRP B 184 18.01 -14.61 -4.18
C TRP B 184 19.20 -13.76 -4.59
N ASP B 186 22.10 -14.18 -7.48
CA ASP B 186 22.68 -14.88 -8.63
C ASP B 186 24.19 -14.62 -8.66
N ASP B 187 24.98 -15.67 -8.51
CA ASP B 187 26.44 -15.50 -8.53
C ASP B 187 26.98 -15.30 -9.93
N GLY B 188 26.11 -15.46 -10.92
CA GLY B 188 26.49 -15.28 -12.31
C GLY B 188 27.41 -16.33 -12.90
N SER B 189 27.55 -17.46 -12.22
CA SER B 189 28.41 -18.54 -12.70
C SER B 189 27.78 -19.91 -12.48
N THR B 190 26.46 -19.91 -12.33
CA THR B 190 25.72 -21.15 -12.11
C THR B 190 24.79 -21.40 -13.29
N TYR B 191 24.04 -20.35 -13.65
CA TYR B 191 23.10 -20.41 -14.76
C TYR B 191 23.33 -19.26 -15.70
N GLY B 192 24.60 -19.04 -16.04
CA GLY B 192 24.95 -17.96 -16.95
C GLY B 192 25.07 -16.60 -16.30
N PRO B 193 25.46 -15.57 -17.08
CA PRO B 193 25.63 -14.21 -16.59
C PRO B 193 24.37 -13.65 -15.94
N VAL B 194 24.55 -12.73 -15.00
CA VAL B 194 23.42 -12.11 -14.32
C VAL B 194 22.62 -11.30 -15.33
N LEU B 195 21.30 -11.35 -15.25
CA LEU B 195 20.46 -10.57 -16.16
C LEU B 195 20.38 -9.16 -15.60
N THR B 196 20.25 -8.17 -16.48
CA THR B 196 20.22 -6.79 -16.03
C THR B 196 18.96 -6.02 -16.36
N LYS B 197 18.93 -5.40 -17.53
CA LYS B 197 17.78 -4.62 -17.96
C LYS B 197 16.82 -5.42 -18.83
N GLY B 198 15.64 -4.87 -19.09
CA GLY B 198 14.68 -5.57 -19.92
C GLY B 198 13.25 -5.16 -19.69
N LYS B 199 12.34 -5.86 -20.35
CA LYS B 199 10.91 -5.58 -20.24
C LYS B 199 10.28 -6.31 -19.06
N ILE B 200 9.13 -5.83 -18.65
CA ILE B 200 8.36 -6.44 -17.57
C ILE B 200 7.04 -6.88 -18.18
N GLY B 201 6.60 -8.09 -17.87
CA GLY B 201 5.35 -8.58 -18.43
C GLY B 201 4.49 -9.30 -17.41
N PHE B 202 3.18 -9.26 -17.63
CA PHE B 202 2.23 -9.91 -16.74
C PHE B 202 1.66 -11.16 -17.38
N ARG B 203 1.94 -12.32 -16.80
CA ARG B 203 1.43 -13.58 -17.34
C ARG B 203 0.35 -14.18 -16.47
N GLN B 204 -0.60 -14.86 -17.10
CA GLN B 204 -1.65 -15.56 -16.39
C GLN B 204 -1.92 -16.87 -17.08
N ALA B 206 -4.81 -19.46 -17.84
CA ALA B 206 -6.27 -19.51 -17.81
C ALA B 206 -6.70 -20.61 -16.84
N PRO B 207 -7.90 -20.50 -16.27
CA PRO B 207 -8.91 -19.45 -16.43
C PRO B 207 -8.83 -18.32 -15.40
N LYS B 209 -8.61 -14.97 -13.25
CA LYS B 209 -9.24 -13.67 -13.36
C LYS B 209 -8.65 -12.83 -12.23
N ALA B 210 -7.98 -11.74 -12.60
CA ALA B 210 -7.36 -10.88 -11.59
C ALA B 210 -7.41 -9.42 -11.99
N VAL B 211 -7.23 -8.56 -11.00
CA VAL B 211 -7.24 -7.11 -11.20
C VAL B 211 -5.90 -6.55 -10.75
N TYR B 212 -5.34 -5.65 -11.56
CA TYR B 212 -4.06 -5.01 -11.26
C TYR B 212 -4.22 -3.49 -11.31
N ARG B 213 -3.48 -2.79 -10.46
CA ARG B 213 -3.54 -1.33 -10.44
C ARG B 213 -2.24 -0.75 -9.89
N ASP B 214 -2.00 0.52 -10.21
CA ASP B 214 -0.82 1.23 -9.71
C ASP B 214 0.50 0.49 -9.91
N PHE B 215 0.85 0.22 -11.17
CA PHE B 215 2.09 -0.46 -11.51
C PHE B 215 3.20 0.59 -11.65
N ALA B 216 4.19 0.54 -10.77
CA ALA B 216 5.26 1.52 -10.81
C ALA B 216 6.67 0.93 -10.73
N VAL B 217 7.63 1.68 -11.26
CA VAL B 217 9.03 1.27 -11.23
C VAL B 217 9.87 2.45 -10.74
N HIS B 218 10.58 2.24 -9.64
CA HIS B 218 11.45 3.27 -9.07
C HIS B 218 12.90 2.81 -9.12
N GLN B 219 13.82 3.75 -9.08
CA GLN B 219 15.24 3.39 -9.06
C GLN B 219 15.48 2.79 -7.68
N ALA B 220 16.28 1.74 -7.62
CA ALA B 220 16.58 1.09 -6.36
C ALA B 220 17.84 1.72 -5.78
N VAL B 221 17.72 2.42 -4.66
CA VAL B 221 18.87 3.06 -4.04
C VAL B 221 19.18 2.34 -2.73
N ARG B 222 20.35 1.70 -2.65
CA ARG B 222 20.72 0.98 -1.45
C ARG B 222 21.04 1.93 -0.30
N ARG B 223 20.52 1.63 0.87
CA ARG B 223 20.75 2.45 2.06
C ARG B 223 22.09 2.13 2.72
N ALA C 3 26.60 8.84 20.51
CA ALA C 3 25.18 8.79 20.97
C ALA C 3 25.10 8.50 22.46
N TYR C 5 22.26 7.37 23.84
CA TYR C 5 21.24 6.32 24.02
C TYR C 5 21.27 5.20 23.00
N LYS C 6 20.69 4.06 23.39
CA LYS C 6 20.57 2.89 22.52
C LYS C 6 19.31 2.17 22.99
N GLU C 7 18.66 1.44 22.10
CA GLU C 7 17.43 0.75 22.47
C GLU C 7 17.67 -0.44 23.37
N GLY C 8 16.77 -0.62 24.32
CA GLY C 8 16.86 -1.74 25.24
C GLY C 8 15.71 -2.69 24.95
N ALA C 9 15.05 -3.17 26.00
CA ALA C 9 13.93 -4.09 25.85
C ALA C 9 12.79 -3.48 25.05
N CYS C 10 12.14 -4.31 24.24
CA CYS C 10 11.01 -3.85 23.45
C CYS C 10 9.76 -4.03 24.31
N LEU C 11 9.19 -2.92 24.76
CA LEU C 11 8.02 -2.94 25.61
C LEU C 11 6.70 -3.07 24.86
N TYR C 12 6.67 -2.59 23.63
CA TYR C 12 5.43 -2.61 22.85
C TYR C 12 5.73 -2.52 21.37
N ARG C 13 4.97 -3.27 20.57
CA ARG C 13 5.13 -3.27 19.13
C ARG C 13 3.76 -3.47 18.47
N ASN C 14 3.45 -2.61 17.49
CA ASN C 14 2.17 -2.69 16.79
C ASN C 14 2.38 -2.37 15.31
N PRO C 15 2.23 -3.38 14.43
CA PRO C 15 2.42 -3.17 12.98
C PRO C 15 1.40 -2.23 12.34
N LEU C 16 0.24 -2.09 12.97
CA LEU C 16 -0.82 -1.22 12.46
C LEU C 16 -1.19 -1.62 11.03
N ARG C 17 -1.45 -2.91 10.82
CA ARG C 17 -1.81 -3.41 9.51
C ARG C 17 -3.28 -3.79 9.35
N SER C 18 -3.97 -4.03 10.46
CA SER C 18 -5.38 -4.41 10.40
C SER C 18 -6.22 -3.78 11.50
N LYS C 19 -7.54 -3.83 11.33
CA LYS C 19 -8.47 -3.25 12.29
C LYS C 19 -8.29 -3.78 13.71
N SER C 20 -7.87 -5.04 13.83
CA SER C 20 -7.70 -5.63 15.15
C SER C 20 -6.55 -5.00 15.92
N ASP C 21 -5.55 -4.51 15.19
CA ASP C 21 -4.38 -3.90 15.83
C ASP C 21 -4.73 -2.67 16.67
N VAL C 22 -5.83 -2.00 16.34
CA VAL C 22 -6.25 -0.82 17.09
C VAL C 22 -7.63 -0.97 17.71
N LYS C 23 -8.07 -2.21 17.88
CA LYS C 23 -9.39 -2.48 18.45
C LYS C 23 -9.65 -1.77 19.78
N ASP C 24 -8.61 -1.66 20.60
CA ASP C 24 -8.74 -1.03 21.91
C ASP C 24 -8.23 0.42 21.98
N TRP C 25 -7.90 1.00 20.83
CA TRP C 25 -7.43 2.38 20.81
C TRP C 25 -8.61 3.31 20.97
N ARG C 26 -8.37 4.50 21.51
CA ARG C 26 -9.46 5.43 21.75
C ARG C 26 -9.41 6.69 20.88
N GLU C 28 -10.76 10.28 19.83
CA GLU C 28 -11.44 11.45 20.37
C GLU C 28 -11.47 12.47 19.24
N GLY C 29 -12.63 12.60 18.59
CA GLY C 29 -12.76 13.51 17.48
C GLY C 29 -13.22 12.81 16.21
N GLY C 30 -13.43 13.57 15.15
CA GLY C 30 -13.92 13.02 13.90
C GLY C 30 -12.93 12.30 12.99
N GLY C 31 -12.07 11.48 13.56
CA GLY C 31 -11.11 10.77 12.74
C GLY C 31 -11.68 9.48 12.21
N GLN C 32 -11.19 9.02 11.05
CA GLN C 32 -11.66 7.77 10.47
C GLN C 32 -10.48 6.89 10.09
N ILE C 33 -10.56 5.61 10.45
CA ILE C 33 -9.51 4.68 10.15
C ILE C 33 -9.85 3.83 8.94
N SER C 34 -8.84 3.53 8.13
CA SER C 34 -9.02 2.74 6.93
C SER C 34 -7.79 1.87 6.73
N PHE C 35 -7.92 0.76 5.99
CA PHE C 35 -6.79 -0.12 5.79
C PHE C 35 -6.53 -0.57 4.36
N ASP C 36 -6.66 0.33 3.40
CA ASP C 36 -6.37 -0.01 2.00
C ASP C 36 -4.92 -0.46 1.91
N ASP C 37 -4.67 -1.51 1.13
CA ASP C 37 -3.33 -2.05 0.96
C ASP C 37 -2.73 -2.54 2.26
N HIS C 38 -3.58 -2.75 3.25
CA HIS C 38 -3.17 -3.28 4.55
C HIS C 38 -2.20 -2.40 5.34
N SER C 39 -2.56 -1.13 5.49
CA SER C 39 -1.77 -0.17 6.24
C SER C 39 -2.74 0.80 6.89
N LEU C 40 -2.43 1.24 8.11
CA LEU C 40 -3.31 2.18 8.81
C LEU C 40 -3.36 3.54 8.14
N HIS C 41 -4.54 3.91 7.65
CA HIS C 41 -4.77 5.20 7.01
C HIS C 41 -5.63 6.03 7.95
N LEU C 42 -5.20 7.25 8.26
CA LEU C 42 -5.99 8.12 9.12
C LEU C 42 -6.44 9.34 8.33
N SER C 43 -7.74 9.59 8.33
CA SER C 43 -8.32 10.72 7.62
C SER C 43 -9.42 11.32 8.48
N HIS C 44 -10.18 12.26 7.93
CA HIS C 44 -11.24 12.91 8.71
C HIS C 44 -12.61 12.82 8.05
N VAL C 45 -13.64 12.68 8.87
CA VAL C 45 -15.02 12.54 8.39
C VAL C 45 -15.62 13.81 7.79
N GLN C 46 -15.17 14.97 8.25
CA GLN C 46 -15.71 16.21 7.72
C GLN C 46 -14.75 17.37 7.87
N ASP C 47 -15.17 18.52 7.36
CA ASP C 47 -14.36 19.72 7.42
C ASP C 47 -13.95 20.07 8.85
N GLU C 48 -12.65 20.26 9.03
CA GLU C 48 -12.08 20.65 10.32
C GLU C 48 -12.33 19.68 11.48
N ALA C 49 -12.60 18.41 11.19
CA ALA C 49 -12.86 17.44 12.24
C ALA C 49 -11.57 16.86 12.80
N HIS C 50 -10.85 17.68 13.56
CA HIS C 50 -9.57 17.27 14.15
C HIS C 50 -9.75 16.21 15.23
N PHE C 51 -8.69 15.46 15.51
CA PHE C 51 -8.79 14.39 16.49
C PHE C 51 -7.48 13.98 17.13
N VAL C 52 -7.59 13.10 18.12
CA VAL C 52 -6.43 12.53 18.80
C VAL C 52 -6.82 11.05 18.97
N PHE C 53 -6.01 10.18 18.36
CA PHE C 53 -6.23 8.74 18.40
C PHE C 53 -5.22 8.15 19.38
N TRP C 54 -5.70 7.72 20.55
CA TRP C 54 -4.83 7.19 21.60
C TRP C 54 -4.58 5.69 21.70
N CYS C 55 -3.34 5.34 22.00
CA CYS C 55 -2.97 3.95 22.24
C CYS C 55 -3.41 3.83 23.71
N PRO C 56 -4.01 2.71 24.09
CA PRO C 56 -4.47 2.55 25.48
C PRO C 56 -3.43 2.27 26.56
N GLU C 57 -2.24 1.84 26.15
CA GLU C 57 -1.17 1.50 27.09
C GLU C 57 -0.45 2.68 27.75
N THR C 58 -0.19 2.56 29.05
CA THR C 58 0.56 3.59 29.76
C THR C 58 2.01 3.16 29.59
N PHE C 59 2.84 4.06 29.08
CA PHE C 59 4.25 3.76 28.88
C PHE C 59 5.07 4.45 29.95
N PRO C 60 6.18 3.83 30.39
CA PRO C 60 7.02 4.43 31.42
C PRO C 60 7.89 5.54 30.86
N ASP C 61 8.63 6.20 31.76
CA ASP C 61 9.54 7.25 31.35
C ASP C 61 10.77 6.48 30.85
N GLY C 62 11.72 7.17 30.23
CA GLY C 62 12.91 6.50 29.74
C GLY C 62 12.60 5.54 28.60
N ILE C 63 12.07 6.07 27.52
CA ILE C 63 11.70 5.25 26.37
C ILE C 63 12.13 5.85 25.04
N ILE C 64 12.15 4.99 24.02
CA ILE C 64 12.48 5.39 22.67
C ILE C 64 11.26 4.98 21.86
N VAL C 65 10.60 5.97 21.26
CA VAL C 65 9.39 5.76 20.48
C VAL C 65 9.68 5.89 19.00
N THR C 66 9.31 4.87 18.23
CA THR C 66 9.54 4.90 16.79
C THR C 66 8.30 4.51 16.00
N TRP C 67 8.19 5.03 14.78
CA TRP C 67 7.08 4.70 13.91
C TRP C 67 7.40 5.12 12.49
N ASP C 68 6.76 4.48 11.53
CA ASP C 68 6.95 4.83 10.12
C ASP C 68 5.80 5.73 9.73
N PHE C 69 6.11 6.83 9.05
CA PHE C 69 5.12 7.82 8.66
C PHE C 69 5.15 8.13 7.16
N SER C 70 3.96 8.22 6.56
CA SER C 70 3.85 8.53 5.14
C SER C 70 2.76 9.57 4.90
N PRO C 71 3.14 10.79 4.50
CA PRO C 71 2.13 11.82 4.25
C PRO C 71 1.46 11.57 2.90
N ILE C 72 0.13 11.42 2.90
CA ILE C 72 -0.59 11.14 1.67
C ILE C 72 -1.27 12.36 1.03
N GLU C 73 -1.95 13.16 1.84
CA GLU C 73 -2.62 14.35 1.35
C GLU C 73 -2.60 15.51 2.33
N GLN C 74 -2.42 16.71 1.80
CA GLN C 74 -2.43 17.93 2.59
C GLN C 74 -3.48 18.82 1.93
N PRO C 75 -3.83 19.96 2.53
CA PRO C 75 -3.36 20.51 3.81
C PRO C 75 -3.60 19.59 5.00
N GLY C 76 -2.90 19.86 6.08
CA GLY C 76 -3.05 19.06 7.28
C GLY C 76 -1.84 19.21 8.18
N LEU C 77 -1.96 18.69 9.39
CA LEU C 77 -0.88 18.76 10.36
C LEU C 77 -0.91 17.51 11.22
N CYS C 78 0.26 17.03 11.63
CA CYS C 78 0.34 15.85 12.47
C CYS C 78 1.01 16.18 13.81
N LEU C 80 2.27 14.17 17.72
CA LEU C 80 2.33 13.03 18.61
C LEU C 80 2.32 13.50 20.06
N PHE C 81 1.38 12.97 20.83
CA PHE C 81 1.27 13.29 22.25
C PHE C 81 2.00 12.18 22.99
N PHE C 82 2.73 12.52 24.04
CA PHE C 82 3.40 11.51 24.86
C PHE C 82 3.54 11.95 26.31
N ALA C 83 3.76 10.98 27.20
CA ALA C 83 3.85 11.26 28.63
C ALA C 83 2.58 11.97 29.07
N ALA C 84 1.44 11.55 28.50
CA ALA C 84 0.14 12.15 28.79
C ALA C 84 -0.60 11.51 29.96
N ALA C 85 -1.09 12.35 30.87
CA ALA C 85 -1.82 11.89 32.05
C ALA C 85 -2.56 13.06 32.69
N GLY C 86 -3.41 12.76 33.65
CA GLY C 86 -4.16 13.81 34.34
C GLY C 86 -3.20 14.71 35.11
N ILE C 87 -3.62 15.96 35.33
CA ILE C 87 -2.79 16.92 36.05
C ILE C 87 -2.44 16.44 37.46
N ARG C 88 -3.20 15.48 37.97
CA ARG C 88 -2.96 14.94 39.30
C ARG C 88 -2.42 13.52 39.19
N GLY C 89 -1.96 13.16 38.00
CA GLY C 89 -1.41 11.84 37.78
C GLY C 89 -2.42 10.74 37.52
N GLU C 90 -3.67 11.13 37.24
CA GLU C 90 -4.70 10.13 36.98
C GLU C 90 -4.48 9.51 35.60
N ASP C 91 -4.95 8.28 35.42
CA ASP C 91 -4.84 7.60 34.13
C ASP C 91 -5.58 8.51 33.18
N LEU C 92 -5.06 8.67 31.95
CA LEU C 92 -5.68 9.56 30.98
C LEU C 92 -7.14 9.22 30.64
N PHE C 93 -7.53 7.97 30.84
CA PHE C 93 -8.91 7.58 30.53
C PHE C 93 -9.78 7.42 31.76
N ASP C 94 -9.36 8.06 32.84
CA ASP C 94 -10.08 8.05 34.11
C ASP C 94 -11.36 8.85 33.87
N PRO C 95 -12.53 8.24 34.08
CA PRO C 95 -13.81 8.94 33.88
C PRO C 95 -14.01 10.20 34.72
N SER C 96 -13.15 10.39 35.72
CA SER C 96 -13.25 11.57 36.58
C SER C 96 -12.68 12.80 35.88
N LEU C 97 -11.93 12.58 34.81
CA LEU C 97 -11.35 13.68 34.04
C LEU C 97 -12.41 14.16 33.04
N ARG C 98 -12.26 15.39 32.56
CA ARG C 98 -13.23 15.93 31.62
C ARG C 98 -13.21 15.19 30.28
N LYS C 99 -14.39 14.93 29.76
CA LYS C 99 -14.56 14.24 28.49
C LYS C 99 -13.92 15.06 27.36
N ARG C 100 -13.16 14.40 26.50
CA ARG C 100 -12.48 15.10 25.40
C ARG C 100 -13.10 14.74 24.06
N THR C 101 -13.00 15.66 23.10
CA THR C 101 -13.59 15.46 21.78
C THR C 101 -12.68 15.79 20.60
N GLY C 102 -11.39 15.93 20.84
CA GLY C 102 -10.47 16.23 19.76
C GLY C 102 -10.20 17.71 19.53
N THR C 103 -10.77 18.58 20.36
CA THR C 103 -10.55 20.02 20.21
C THR C 103 -9.29 20.37 21.01
N TYR C 104 -8.33 20.97 20.32
CA TYR C 104 -7.03 21.30 20.89
C TYR C 104 -6.97 21.83 22.33
N PRO C 105 -7.80 22.83 22.67
CA PRO C 105 -7.77 23.36 24.04
C PRO C 105 -8.00 22.34 25.15
N GLU C 106 -8.68 21.24 24.83
CA GLU C 106 -8.94 20.21 25.83
C GLU C 106 -7.63 19.50 26.19
N TYR C 107 -6.65 19.60 25.29
CA TYR C 107 -5.37 18.95 25.49
C TYR C 107 -4.28 19.85 26.06
N HIS C 108 -4.26 21.12 25.66
CA HIS C 108 -3.24 22.02 26.18
C HIS C 108 -3.72 22.97 27.27
N SER C 109 -5.03 22.98 27.53
CA SER C 109 -5.60 23.86 28.56
C SER C 109 -6.76 23.22 29.32
N GLY C 110 -6.68 21.91 29.53
CA GLY C 110 -7.73 21.19 30.23
C GLY C 110 -7.23 20.65 31.56
N ASP C 111 -7.53 19.39 31.86
CA ASP C 111 -7.09 18.81 33.12
C ASP C 111 -6.05 17.70 32.96
N ILE C 112 -5.25 17.78 31.91
CA ILE C 112 -4.19 16.79 31.68
C ILE C 112 -2.89 17.49 31.32
N ASN C 113 -1.78 16.80 31.51
CA ASN C 113 -0.46 17.33 31.15
C ASN C 113 0.05 16.38 30.07
N ALA C 114 0.93 16.88 29.21
CA ALA C 114 1.49 16.06 28.14
C ALA C 114 2.47 16.83 27.29
N LEU C 115 3.34 16.10 26.62
CA LEU C 115 4.29 16.71 25.71
C LEU C 115 3.72 16.40 24.33
N HIS C 116 3.86 17.33 23.40
CA HIS C 116 3.37 17.08 22.06
C HIS C 116 4.33 17.61 21.02
N LEU C 117 4.65 16.76 20.06
CA LEU C 117 5.57 17.07 18.98
C LEU C 117 4.82 17.17 17.68
N SER C 118 4.79 18.37 17.09
CA SER C 118 4.10 18.55 15.83
C SER C 118 5.09 18.49 14.67
N TYR C 119 4.69 17.77 13.63
CA TYR C 119 5.51 17.62 12.43
C TYR C 119 4.60 17.65 11.21
N PHE C 120 5.18 17.84 10.03
CA PHE C 120 4.41 17.98 8.82
C PHE C 120 3.33 19.03 9.10
N ARG C 121 3.77 20.19 9.58
CA ARG C 121 2.85 21.28 9.88
C ARG C 121 2.55 21.98 8.56
N ARG C 122 1.50 21.55 7.87
CA ARG C 122 1.15 22.11 6.57
C ARG C 122 -0.34 22.47 6.48
N LYS C 123 -0.93 22.84 7.61
CA LYS C 123 -2.36 23.18 7.65
C LYS C 123 -2.68 24.58 7.13
N TYR C 124 -1.86 25.56 7.49
CA TYR C 124 -2.07 26.95 7.08
C TYR C 124 -0.92 27.43 6.18
N ALA C 125 -1.21 28.47 5.39
CA ALA C 125 -0.22 29.03 4.48
C ALA C 125 1.06 29.46 5.19
N GLU C 126 0.92 30.05 6.39
CA GLU C 126 2.10 30.48 7.12
C GLU C 126 2.98 29.30 7.51
N GLU C 127 2.35 28.17 7.82
CA GLU C 127 3.11 26.98 8.20
C GLU C 127 3.82 26.42 6.97
N ARG C 128 3.11 26.36 5.86
CA ARG C 128 3.68 25.83 4.63
C ARG C 128 4.80 26.70 4.07
N ALA C 129 4.87 27.97 4.47
CA ALA C 129 5.90 28.89 3.99
C ALA C 129 7.26 28.76 4.68
N PHE C 130 7.29 28.08 5.81
CA PHE C 130 8.53 27.86 6.58
C PHE C 130 8.27 26.56 7.33
N ARG C 131 8.86 25.48 6.83
CA ARG C 131 8.60 24.16 7.38
C ARG C 131 9.41 23.71 8.56
N THR C 132 8.70 23.62 9.70
CA THR C 132 9.30 23.25 10.97
C THR C 132 8.52 22.21 11.75
N CYS C 133 9.17 21.68 12.78
CA CYS C 133 8.58 20.72 13.72
C CYS C 133 8.78 21.41 15.04
N ASN C 134 7.84 21.28 15.96
CA ASN C 134 8.05 21.91 17.26
C ASN C 134 7.57 21.03 18.39
N LEU C 135 8.19 21.22 19.55
CA LEU C 135 7.86 20.47 20.75
C LEU C 135 7.25 21.41 21.77
N ARG C 136 6.12 21.01 22.35
CA ARG C 136 5.47 21.82 23.35
C ARG C 136 5.17 21.04 24.61
N LYS C 137 5.00 21.76 25.72
CA LYS C 137 4.69 21.14 27.00
C LYS C 137 3.39 21.72 27.54
N SER C 138 2.45 20.85 27.89
CA SER C 138 1.16 21.26 28.44
C SER C 138 0.97 20.52 29.76
N ARG C 139 0.05 20.96 30.61
CA ARG C 139 -0.83 22.11 30.37
C ARG C 139 -0.04 23.41 30.19
N GLY C 140 -0.46 24.26 29.26
CA GLY C 140 0.24 25.51 29.05
C GLY C 140 0.64 25.82 27.62
N PHE C 141 0.67 24.80 26.77
CA PHE C 141 1.03 24.99 25.36
C PHE C 141 2.37 25.73 25.26
N HIS C 142 3.30 25.40 26.15
CA HIS C 142 4.61 26.04 26.18
C HIS C 142 5.57 25.52 25.11
N LEU C 143 6.18 26.44 24.36
CA LEU C 143 7.13 26.07 23.32
C LEU C 143 8.44 25.62 23.97
N ALA C 144 8.81 24.37 23.75
CA ALA C 144 10.03 23.83 24.32
C ALA C 144 11.19 23.90 23.33
N ALA C 145 10.92 23.56 22.06
CA ALA C 145 11.96 23.57 21.04
C ALA C 145 11.37 23.50 19.65
N GLY C 147 12.63 22.94 15.17
CA GLY C 147 13.67 22.66 14.19
C GLY C 147 13.05 22.53 12.81
N ALA C 148 13.87 22.66 11.78
CA ALA C 148 13.36 22.54 10.42
C ALA C 148 12.83 21.13 10.18
N ASP C 149 11.86 21.03 9.28
CA ASP C 149 11.22 19.75 8.95
C ASP C 149 11.62 19.30 7.55
N PRO C 150 12.35 18.17 7.45
CA PRO C 150 12.82 17.63 6.17
C PRO C 150 11.75 16.89 5.36
N LEU C 151 10.59 16.65 5.95
CA LEU C 151 9.51 15.93 5.26
C LEU C 151 8.98 16.75 4.08
N PRO C 152 8.92 16.13 2.89
CA PRO C 152 8.45 16.83 1.70
C PRO C 152 6.93 16.90 1.62
N SER C 153 6.44 17.51 0.55
CA SER C 153 5.00 17.56 0.31
C SER C 153 4.72 16.15 -0.23
N PRO C 154 3.45 15.71 -0.22
CA PRO C 154 3.11 14.36 -0.70
C PRO C 154 3.61 13.97 -2.10
N ASP C 155 3.62 14.93 -3.01
CA ASP C 155 4.06 14.65 -4.38
C ASP C 155 5.50 14.16 -4.51
N ASP C 156 6.34 14.45 -3.50
CA ASP C 156 7.74 14.01 -3.53
C ASP C 156 8.01 12.91 -2.52
N ALA C 157 6.97 12.46 -1.83
CA ALA C 157 7.16 11.42 -0.82
C ALA C 157 6.45 10.11 -1.11
N ASP C 158 7.23 9.07 -1.34
CA ASP C 158 6.65 7.75 -1.57
C ASP C 158 6.85 7.03 -0.23
N SER C 159 7.52 7.73 0.69
CA SER C 159 7.77 7.26 2.04
C SER C 159 8.32 5.84 2.10
N PRO C 160 8.38 5.24 3.31
CA PRO C 160 7.99 5.72 4.64
C PRO C 160 9.14 6.43 5.35
N TYR C 161 8.81 7.36 6.24
CA TYR C 161 9.83 8.09 7.00
C TYR C 161 9.94 7.49 8.39
N ARG C 162 11.17 7.26 8.83
CA ARG C 162 11.41 6.65 10.14
C ARG C 162 11.56 7.68 11.25
N LYS C 164 11.77 8.88 15.18
CA LYS C 164 12.37 8.40 16.41
C LYS C 164 12.38 9.46 17.49
N LEU C 165 11.75 9.14 18.62
CA LEU C 165 11.63 10.07 19.73
C LEU C 165 12.19 9.46 21.01
N ILE C 166 13.03 10.22 21.71
CA ILE C 166 13.60 9.76 22.98
C ILE C 166 13.02 10.60 24.10
N LYS C 167 12.58 9.94 25.16
CA LYS C 167 12.02 10.60 26.33
C LYS C 167 12.65 9.99 27.57
N ASP C 168 13.41 10.81 28.31
CA ASP C 168 14.08 10.35 29.53
C ASP C 168 14.11 11.50 30.51
N LYS C 169 13.13 11.50 31.42
CA LYS C 169 13.00 12.55 32.40
C LYS C 169 12.88 13.89 31.67
N GLY C 170 13.73 14.85 32.02
CA GLY C 170 13.63 16.14 31.35
C GLY C 170 14.07 16.16 29.90
N TYR C 171 14.82 15.12 29.49
CA TYR C 171 15.36 15.05 28.13
C TYR C 171 14.46 14.50 27.03
N VAL C 172 14.47 15.20 25.89
CA VAL C 172 13.71 14.78 24.71
C VAL C 172 14.57 15.02 23.47
N HIS C 173 14.58 14.06 22.57
CA HIS C 173 15.33 14.18 21.33
C HIS C 173 14.46 13.61 20.22
N PHE C 174 14.44 14.30 19.08
CA PHE C 174 13.63 13.86 17.95
C PHE C 174 14.44 13.83 16.66
N SER C 175 14.28 12.76 15.88
CA SER C 175 15.00 12.62 14.63
C SER C 175 14.13 11.93 13.56
N ILE C 176 14.50 12.13 12.30
CA ILE C 176 13.79 11.51 11.18
C ILE C 176 14.86 10.94 10.26
N ASN C 177 14.73 9.65 9.93
CA ASN C 177 15.69 8.97 9.06
C ASN C 177 17.14 9.17 9.52
N GLY C 178 17.33 9.22 10.83
CA GLY C 178 18.67 9.40 11.39
C GLY C 178 19.16 10.82 11.50
N LEU C 179 18.36 11.77 11.02
CA LEU C 179 18.75 13.18 11.09
C LEU C 179 18.14 13.86 12.30
N PRO C 180 18.98 14.37 13.22
CA PRO C 180 18.45 15.06 14.41
C PRO C 180 17.62 16.26 13.97
N ILE C 181 16.45 16.43 14.58
CA ILE C 181 15.55 17.53 14.26
C ILE C 181 15.52 18.58 15.37
N LEU C 182 15.34 18.13 16.61
CA LEU C 182 15.32 19.03 17.76
C LEU C 182 15.69 18.29 19.04
N GLU C 183 16.04 19.05 20.07
CA GLU C 183 16.45 18.47 21.34
C GLU C 183 16.00 19.43 22.43
N TRP C 184 15.72 18.91 23.63
CA TRP C 184 15.26 19.74 24.74
C TRP C 184 15.57 19.10 26.09
N ASP C 186 14.18 19.75 29.92
CA ASP C 186 13.27 20.45 30.83
C ASP C 186 13.95 20.54 32.19
N ASP C 187 14.22 21.76 32.67
CA ASP C 187 14.88 21.92 33.96
C ASP C 187 13.95 21.63 35.13
N GLY C 188 12.67 21.47 34.83
CA GLY C 188 11.68 21.17 35.86
C GLY C 188 11.38 22.30 36.82
N SER C 189 11.73 23.53 36.46
CA SER C 189 11.48 24.68 37.31
C SER C 189 11.03 25.91 36.52
N THR C 190 10.74 25.72 35.24
CA THR C 190 10.30 26.80 34.38
C THR C 190 8.81 26.67 34.08
N TYR C 191 8.41 25.46 33.69
CA TYR C 191 7.02 25.17 33.36
C TYR C 191 6.51 23.99 34.17
N GLY C 192 6.81 23.98 35.47
CA GLY C 192 6.36 22.91 36.32
C GLY C 192 7.24 21.69 36.32
N PRO C 193 6.91 20.68 37.14
CA PRO C 193 7.67 19.43 37.23
C PRO C 193 7.79 18.70 35.90
N VAL C 194 8.88 17.98 35.73
CA VAL C 194 9.11 17.23 34.50
C VAL C 194 8.04 16.15 34.40
N LEU C 195 7.54 15.91 33.18
CA LEU C 195 6.54 14.87 32.97
C LEU C 195 7.30 13.56 32.84
N THR C 196 6.67 12.46 33.23
CA THR C 196 7.35 11.17 33.19
C THR C 196 6.68 10.10 32.35
N LYS C 197 5.78 9.34 32.95
CA LYS C 197 5.08 8.27 32.25
C LYS C 197 3.77 8.78 31.67
N GLY C 198 3.12 7.96 30.84
CA GLY C 198 1.85 8.38 30.26
C GLY C 198 1.50 7.70 28.96
N LYS C 199 0.37 8.13 28.38
CA LYS C 199 -0.10 7.57 27.12
C LYS C 199 0.52 8.29 25.93
N ILE C 200 0.47 7.63 24.78
CA ILE C 200 0.96 8.19 23.54
C ILE C 200 -0.23 8.26 22.60
N GLY C 201 -0.38 9.39 21.91
CA GLY C 201 -1.50 9.55 21.00
C GLY C 201 -1.13 10.19 19.68
N PHE C 202 -1.92 9.89 18.66
CA PHE C 202 -1.70 10.42 17.32
C PHE C 202 -2.77 11.44 16.94
N ARG C 203 -2.36 12.69 16.78
CA ARG C 203 -3.29 13.75 16.42
C ARG C 203 -3.09 14.18 14.98
N GLN C 204 -4.18 14.61 14.36
CA GLN C 204 -4.16 15.10 13.00
C GLN C 204 -5.17 16.22 12.90
N ALA C 206 -7.56 18.05 10.32
CA ALA C 206 -8.17 17.79 9.02
C ALA C 206 -7.71 18.88 8.06
N PRO C 207 -7.70 18.60 6.75
CA PRO C 207 -8.06 17.36 6.06
C PRO C 207 -6.91 16.38 5.84
N LYS C 209 -4.33 13.39 5.51
CA LYS C 209 -4.47 11.98 5.18
C LYS C 209 -3.05 11.42 5.27
N ALA C 210 -2.85 10.46 6.16
CA ALA C 210 -1.53 9.87 6.33
C ALA C 210 -1.59 8.39 6.67
N VAL C 211 -0.47 7.71 6.41
CA VAL C 211 -0.36 6.29 6.71
C VAL C 211 0.69 6.10 7.80
N TYR C 212 0.39 5.22 8.75
CA TYR C 212 1.30 4.93 9.84
C TYR C 212 1.51 3.43 9.94
N ARG C 213 2.73 3.02 10.26
CA ARG C 213 3.04 1.61 10.40
C ARG C 213 4.14 1.36 11.43
N ASP C 214 4.17 0.13 11.93
CA ASP C 214 5.17 -0.32 12.91
C ASP C 214 5.50 0.66 14.03
N PHE C 215 4.53 0.88 14.90
CA PHE C 215 4.68 1.76 16.06
C PHE C 215 5.28 0.90 17.17
N ALA C 216 6.42 1.33 17.71
CA ALA C 216 7.08 0.57 18.77
C ALA C 216 7.64 1.43 19.89
N VAL C 217 7.77 0.83 21.07
CA VAL C 217 8.32 1.52 22.23
C VAL C 217 9.36 0.61 22.87
N HIS C 218 10.59 1.12 22.98
CA HIS C 218 11.69 0.38 23.61
C HIS C 218 12.17 1.16 24.82
N GLN C 219 12.88 0.47 25.70
CA GLN C 219 13.45 1.13 26.87
C GLN C 219 14.61 1.96 26.32
N ALA C 220 14.83 3.13 26.92
CA ALA C 220 15.93 3.99 26.50
C ALA C 220 17.08 3.67 27.44
N VAL C 221 18.20 3.21 26.89
CA VAL C 221 19.35 2.88 27.71
C VAL C 221 20.48 3.86 27.50
N ARG C 222 20.94 4.46 28.61
CA ARG C 222 22.02 5.44 28.60
C ARG C 222 23.37 4.77 28.33
N ARG C 223 24.07 5.24 27.31
CA ARG C 223 25.38 4.69 26.97
C ARG C 223 26.43 5.32 27.89
N SER D 1 20.89 -17.80 6.84
CA SER D 1 19.58 -18.39 7.22
C SER D 1 19.63 -19.92 7.13
N ASN D 2 18.69 -20.57 7.80
CA ASN D 2 18.59 -22.02 7.81
C ASN D 2 19.86 -22.73 8.21
N ALA D 3 20.41 -22.35 9.36
CA ALA D 3 21.63 -22.98 9.86
C ALA D 3 21.41 -24.48 9.95
N TYR D 5 21.16 -28.18 10.93
CA TYR D 5 20.89 -28.94 12.16
C TYR D 5 20.53 -30.36 11.76
N LYS D 6 20.86 -31.31 12.62
CA LYS D 6 20.54 -32.71 12.38
C LYS D 6 19.86 -33.27 13.64
N GLU D 7 18.99 -34.25 13.46
CA GLU D 7 18.33 -34.86 14.60
C GLU D 7 19.30 -35.83 15.28
N GLY D 8 19.35 -35.79 16.60
CA GLY D 8 20.23 -36.69 17.33
C GLY D 8 19.43 -37.81 17.96
N ALA D 9 19.78 -38.21 19.19
CA ALA D 9 19.09 -39.27 19.88
C ALA D 9 17.61 -38.94 20.07
N CYS D 10 16.75 -39.96 19.99
CA CYS D 10 15.32 -39.75 20.19
C CYS D 10 15.04 -39.67 21.68
N LEU D 11 14.40 -38.59 22.11
CA LEU D 11 14.09 -38.40 23.52
C LEU D 11 12.68 -38.82 23.88
N TYR D 12 11.79 -38.76 22.89
CA TYR D 12 10.38 -39.07 23.11
C TYR D 12 9.68 -39.29 21.77
N ARG D 13 8.80 -40.28 21.73
CA ARG D 13 8.05 -40.55 20.52
C ARG D 13 6.66 -41.04 20.90
N ASN D 14 5.65 -40.36 20.41
CA ASN D 14 4.26 -40.73 20.71
C ASN D 14 3.49 -40.85 19.39
N PRO D 15 3.13 -42.07 19.00
CA PRO D 15 2.38 -42.32 17.76
C PRO D 15 1.02 -41.63 17.71
N LEU D 16 0.42 -41.40 18.89
CA LEU D 16 -0.90 -40.77 18.98
C LEU D 16 -1.93 -41.58 18.20
N ARG D 17 -1.94 -42.89 18.43
CA ARG D 17 -2.84 -43.81 17.73
C ARG D 17 -4.00 -44.32 18.58
N SER D 18 -3.87 -44.26 19.91
CA SER D 18 -4.95 -44.72 20.78
C SER D 18 -5.02 -43.92 22.07
N LYS D 19 -6.14 -44.03 22.77
CA LYS D 19 -6.35 -43.29 24.02
C LYS D 19 -5.22 -43.47 25.03
N SER D 20 -4.63 -44.66 25.07
CA SER D 20 -3.54 -44.90 26.01
C SER D 20 -2.34 -43.99 25.76
N ASP D 21 -2.19 -43.53 24.52
CA ASP D 21 -1.08 -42.66 24.16
C ASP D 21 -1.14 -41.28 24.82
N VAL D 22 -2.33 -40.81 25.20
CA VAL D 22 -2.44 -39.50 25.84
C VAL D 22 -2.91 -39.62 27.28
N LYS D 23 -2.68 -40.80 27.84
CA LYS D 23 -3.04 -41.15 29.21
C LYS D 23 -2.84 -40.06 30.26
N ASP D 24 -1.62 -39.53 30.35
CA ASP D 24 -1.31 -38.50 31.35
C ASP D 24 -1.29 -37.07 30.83
N TRP D 25 -1.83 -36.85 29.64
CA TRP D 25 -1.86 -35.50 29.08
C TRP D 25 -2.89 -34.65 29.81
N ARG D 26 -2.67 -33.33 29.81
CA ARG D 26 -3.58 -32.43 30.50
C ARG D 26 -4.33 -31.49 29.59
N GLU D 28 -6.74 -28.42 29.05
CA GLU D 28 -7.17 -27.17 29.68
C GLU D 28 -8.09 -26.48 28.68
N GLY D 29 -9.38 -26.55 28.92
CA GLY D 29 -10.35 -25.95 28.01
C GLY D 29 -11.28 -27.03 27.47
N GLY D 30 -12.27 -26.62 26.68
CA GLY D 30 -13.24 -27.57 26.15
C GLY D 30 -12.88 -28.37 24.91
N GLY D 31 -11.73 -29.03 24.92
CA GLY D 31 -11.35 -29.83 23.77
C GLY D 31 -12.01 -31.20 23.82
N GLN D 32 -12.20 -31.80 22.65
CA GLN D 32 -12.79 -33.13 22.55
C GLN D 32 -11.76 -34.04 21.90
N ILE D 33 -11.54 -35.19 22.50
CA ILE D 33 -10.55 -36.15 22.00
C ILE D 33 -11.21 -37.36 21.35
N SER D 34 -10.66 -37.79 20.21
CA SER D 34 -11.17 -38.95 19.49
C SER D 34 -9.99 -39.63 18.78
N PHE D 35 -10.08 -40.94 18.58
CA PHE D 35 -9.00 -41.65 17.89
C PHE D 35 -9.45 -42.44 16.68
N ASP D 36 -10.41 -41.90 15.93
CA ASP D 36 -10.89 -42.58 14.74
C ASP D 36 -9.70 -42.78 13.80
N ASP D 37 -9.69 -43.91 13.08
CA ASP D 37 -8.62 -44.22 12.15
C ASP D 37 -7.26 -44.28 12.83
N HIS D 38 -7.25 -44.61 14.12
CA HIS D 38 -6.01 -44.73 14.87
C HIS D 38 -5.14 -43.48 14.78
N SER D 39 -5.74 -42.33 15.00
CA SER D 39 -5.03 -41.05 14.95
C SER D 39 -5.75 -40.07 15.88
N LEU D 40 -5.00 -39.13 16.44
CA LEU D 40 -5.61 -38.17 17.37
C LEU D 40 -6.45 -37.10 16.67
N HIS D 41 -7.75 -37.10 16.97
CA HIS D 41 -8.66 -36.12 16.40
C HIS D 41 -8.99 -35.10 17.49
N LEU D 42 -8.70 -33.83 17.25
CA LEU D 42 -9.02 -32.80 18.24
C LEU D 42 -10.13 -31.90 17.70
N SER D 43 -11.17 -31.74 18.51
CA SER D 43 -12.32 -30.89 18.18
C SER D 43 -12.74 -30.12 19.42
N HIS D 44 -13.88 -29.43 19.35
CA HIS D 44 -14.34 -28.62 20.48
C HIS D 44 -15.79 -28.88 20.86
N VAL D 45 -16.12 -28.69 22.15
CA VAL D 45 -17.48 -28.90 22.61
C VAL D 45 -18.39 -27.73 22.24
N GLN D 46 -17.78 -26.58 21.96
CA GLN D 46 -18.51 -25.37 21.57
C GLN D 46 -17.70 -24.54 20.59
N ASP D 47 -18.37 -23.61 19.90
CA ASP D 47 -17.74 -22.76 18.91
C ASP D 47 -16.62 -21.85 19.44
N GLU D 48 -16.62 -21.57 20.75
CA GLU D 48 -15.57 -20.74 21.31
C GLU D 48 -14.83 -21.46 22.45
N ALA D 49 -14.95 -22.78 22.51
CA ALA D 49 -14.30 -23.57 23.56
C ALA D 49 -12.82 -23.84 23.23
N HIS D 50 -12.02 -22.78 23.21
CA HIS D 50 -10.60 -22.91 22.91
C HIS D 50 -9.89 -23.71 24.01
N PHE D 51 -8.78 -24.33 23.68
CA PHE D 51 -8.06 -25.13 24.68
C PHE D 51 -6.57 -25.27 24.41
N VAL D 52 -5.88 -25.88 25.36
CA VAL D 52 -4.46 -26.18 25.23
C VAL D 52 -4.37 -27.59 25.82
N PHE D 53 -3.86 -28.53 25.03
CA PHE D 53 -3.73 -29.92 25.44
C PHE D 53 -2.23 -30.20 25.61
N TRP D 54 -1.80 -30.32 26.86
CA TRP D 54 -0.39 -30.52 27.18
C TRP D 54 0.15 -31.93 27.33
N CYS D 55 1.36 -32.12 26.82
CA CYS D 55 2.08 -33.37 26.99
C CYS D 55 2.67 -33.14 28.39
N PRO D 56 2.69 -34.17 29.26
CA PRO D 56 3.21 -34.01 30.62
C PRO D 56 4.73 -33.93 30.83
N GLU D 57 5.49 -34.35 29.83
CA GLU D 57 6.95 -34.37 29.93
C GLU D 57 7.68 -33.04 29.80
N THR D 58 8.68 -32.84 30.65
CA THR D 58 9.48 -31.63 30.56
C THR D 58 10.60 -31.98 29.58
N PHE D 59 10.70 -31.23 28.49
CA PHE D 59 11.74 -31.48 27.49
C PHE D 59 12.88 -30.49 27.68
N PRO D 60 14.12 -30.91 27.39
CA PRO D 60 15.25 -30.00 27.54
C PRO D 60 15.34 -29.00 26.41
N ASP D 61 16.30 -28.09 26.51
CA ASP D 61 16.53 -27.12 25.46
C ASP D 61 17.34 -27.91 24.44
N GLY D 62 17.48 -27.39 23.22
CA GLY D 62 18.26 -28.09 22.20
C GLY D 62 17.54 -29.30 21.66
N ILE D 63 16.37 -29.08 21.09
CA ILE D 63 15.58 -30.17 20.56
C ILE D 63 14.98 -29.86 19.20
N ILE D 64 14.56 -30.92 18.53
CA ILE D 64 13.89 -30.81 17.24
C ILE D 64 12.57 -31.56 17.46
N VAL D 65 11.47 -30.84 17.28
CA VAL D 65 10.14 -31.40 17.49
C VAL D 65 9.44 -31.63 16.14
N THR D 66 8.88 -32.82 15.96
CA THR D 66 8.20 -33.15 14.72
C THR D 66 6.85 -33.81 14.95
N TRP D 67 5.95 -33.62 13.99
CA TRP D 67 4.61 -34.22 14.07
C TRP D 67 3.88 -34.08 12.74
N ASP D 68 2.93 -34.98 12.50
CA ASP D 68 2.12 -34.95 11.29
C ASP D 68 0.86 -34.18 11.63
N PHE D 69 0.47 -33.30 10.72
CA PHE D 69 -0.70 -32.43 10.92
C PHE D 69 -1.66 -32.47 9.75
N SER D 70 -2.96 -32.59 10.05
CA SER D 70 -3.98 -32.61 9.01
C SER D 70 -5.14 -31.68 9.38
N PRO D 71 -5.32 -30.59 8.62
CA PRO D 71 -6.41 -29.66 8.90
C PRO D 71 -7.68 -30.25 8.29
N ILE D 72 -8.66 -30.57 9.14
CA ILE D 72 -9.90 -31.19 8.66
C ILE D 72 -11.04 -30.21 8.41
N GLU D 73 -11.24 -29.28 9.34
CA GLU D 73 -12.34 -28.32 9.20
C GLU D 73 -12.02 -26.97 9.82
N GLN D 74 -12.43 -25.91 9.13
CA GLN D 74 -12.22 -24.55 9.60
C GLN D 74 -13.62 -23.93 9.71
N PRO D 75 -13.75 -22.73 10.29
CA PRO D 75 -12.76 -21.82 10.87
C PRO D 75 -12.05 -22.45 12.06
N GLY D 76 -10.85 -21.95 12.34
CA GLY D 76 -10.08 -22.45 13.46
C GLY D 76 -8.64 -22.00 13.38
N LEU D 77 -7.89 -22.27 14.43
CA LEU D 77 -6.48 -21.89 14.48
C LEU D 77 -5.74 -22.90 15.34
N CYS D 78 -4.51 -23.21 14.94
CA CYS D 78 -3.70 -24.16 15.69
C CYS D 78 -2.45 -23.44 16.20
N LEU D 80 1.36 -24.29 18.65
CA LEU D 80 2.17 -25.19 19.46
C LEU D 80 2.90 -24.39 20.52
N PHE D 81 2.78 -24.81 21.78
CA PHE D 81 3.47 -24.16 22.89
C PHE D 81 4.71 -25.00 23.18
N PHE D 82 5.83 -24.35 23.47
CA PHE D 82 7.04 -25.08 23.82
C PHE D 82 7.90 -24.26 24.78
N ALA D 83 8.81 -24.94 25.48
CA ALA D 83 9.66 -24.27 26.47
C ALA D 83 8.78 -23.57 27.50
N ALA D 84 7.66 -24.19 27.84
CA ALA D 84 6.70 -23.63 28.79
C ALA D 84 6.97 -24.04 30.24
N ALA D 85 7.01 -23.04 31.12
CA ALA D 85 7.23 -23.26 32.55
C ALA D 85 6.76 -22.03 33.32
N GLY D 86 6.71 -22.14 34.64
CA GLY D 86 6.28 -21.01 35.45
C GLY D 86 7.30 -19.90 35.30
N ILE D 87 6.87 -18.66 35.53
CA ILE D 87 7.77 -17.52 35.41
C ILE D 87 8.97 -17.61 36.33
N ARG D 88 8.86 -18.38 37.40
CA ARG D 88 9.97 -18.55 38.34
C ARG D 88 10.67 -19.89 38.12
N GLY D 89 10.38 -20.53 36.99
CA GLY D 89 11.00 -21.80 36.68
C GLY D 89 10.26 -23.01 37.22
N GLU D 90 9.06 -22.80 37.74
CA GLU D 90 8.27 -23.89 38.28
C GLU D 90 7.77 -24.83 37.20
N ASP D 91 7.52 -26.07 37.56
CA ASP D 91 6.97 -27.05 36.64
C ASP D 91 5.62 -26.47 36.24
N LEU D 92 5.29 -26.54 34.94
CA LEU D 92 4.03 -25.98 34.45
C LEU D 92 2.79 -26.45 35.23
N PHE D 93 2.88 -27.62 35.85
CA PHE D 93 1.72 -28.14 36.56
C PHE D 93 1.81 -28.07 38.09
N ASP D 94 2.75 -27.25 38.56
CA ASP D 94 2.92 -27.05 39.99
C ASP D 94 1.65 -26.40 40.55
N PRO D 95 1.15 -26.91 41.69
CA PRO D 95 -0.07 -26.39 42.33
C PRO D 95 -0.04 -24.89 42.64
N SER D 96 1.16 -24.32 42.75
CA SER D 96 1.31 -22.91 43.08
C SER D 96 0.96 -21.97 41.92
N LEU D 97 0.86 -22.51 40.72
CA LEU D 97 0.53 -21.69 39.56
C LEU D 97 -0.98 -21.51 39.41
N ARG D 98 -1.38 -20.35 38.91
CA ARG D 98 -2.79 -20.04 38.70
C ARG D 98 -3.46 -21.04 37.75
N LYS D 99 -4.74 -21.29 37.99
CA LYS D 99 -5.51 -22.21 37.16
C LYS D 99 -5.57 -21.71 35.72
N ARG D 100 -5.58 -22.63 34.78
CA ARG D 100 -5.67 -22.30 33.37
C ARG D 100 -6.84 -23.08 32.80
N THR D 101 -7.59 -22.43 31.91
CA THR D 101 -8.78 -23.03 31.32
C THR D 101 -8.84 -22.91 29.80
N GLY D 102 -7.70 -22.69 29.17
CA GLY D 102 -7.68 -22.55 27.72
C GLY D 102 -7.92 -21.13 27.24
N THR D 103 -8.09 -20.20 28.18
CA THR D 103 -8.32 -18.79 27.83
C THR D 103 -6.95 -18.18 27.55
N TYR D 104 -6.76 -17.69 26.33
CA TYR D 104 -5.47 -17.16 25.89
C TYR D 104 -4.67 -16.27 26.83
N PRO D 105 -5.29 -15.23 27.42
CA PRO D 105 -4.53 -14.36 28.32
C PRO D 105 -3.85 -15.08 29.48
N GLU D 106 -4.37 -16.26 29.84
CA GLU D 106 -3.82 -17.05 30.93
C GLU D 106 -2.44 -17.57 30.53
N TYR D 107 -2.23 -17.68 29.22
CA TYR D 107 -0.97 -18.19 28.69
C TYR D 107 0.03 -17.11 28.31
N HIS D 108 -0.44 -16.00 27.75
CA HIS D 108 0.49 -14.94 27.35
C HIS D 108 0.61 -13.78 28.33
N SER D 109 -0.30 -13.71 29.29
CA SER D 109 -0.27 -12.64 30.28
C SER D 109 -0.60 -13.18 31.68
N GLY D 110 -0.11 -14.38 31.98
CA GLY D 110 -0.35 -14.99 33.27
C GLY D 110 0.91 -15.16 34.09
N ASP D 111 1.09 -16.32 34.72
CA ASP D 111 2.28 -16.57 35.51
C ASP D 111 3.20 -17.62 34.90
N ILE D 112 3.17 -17.74 33.57
CA ILE D 112 4.04 -18.71 32.90
C ILE D 112 4.79 -18.02 31.77
N ASN D 113 5.87 -18.66 31.32
CA ASN D 113 6.64 -18.18 30.19
C ASN D 113 6.57 -19.30 29.17
N ALA D 114 6.61 -18.96 27.89
CA ALA D 114 6.57 -19.97 26.85
C ALA D 114 6.69 -19.35 25.48
N LEU D 115 7.12 -20.15 24.52
CA LEU D 115 7.19 -19.72 23.13
C LEU D 115 5.95 -20.38 22.53
N HIS D 116 5.28 -19.70 21.61
CA HIS D 116 4.12 -20.31 20.96
C HIS D 116 4.09 -19.95 19.49
N LEU D 117 3.95 -20.97 18.66
CA LEU D 117 3.95 -20.77 17.22
C LEU D 117 2.60 -21.19 16.63
N SER D 118 1.90 -20.22 16.06
CA SER D 118 0.61 -20.48 15.46
C SER D 118 0.75 -20.74 13.97
N TYR D 119 -0.06 -21.67 13.48
CA TYR D 119 -0.07 -22.05 12.08
C TYR D 119 -1.53 -22.38 11.75
N PHE D 120 -1.87 -22.35 10.46
CA PHE D 120 -3.26 -22.53 10.04
C PHE D 120 -4.09 -21.54 10.85
N ARG D 121 -3.70 -20.27 10.78
CA ARG D 121 -4.42 -19.22 11.48
C ARG D 121 -5.59 -18.85 10.58
N ARG D 122 -6.73 -19.50 10.78
CA ARG D 122 -7.91 -19.27 9.95
C ARG D 122 -9.19 -19.10 10.77
N LYS D 123 -9.08 -18.54 11.96
CA LYS D 123 -10.23 -18.34 12.84
C LYS D 123 -11.07 -17.12 12.46
N TYR D 124 -10.39 -16.02 12.15
CA TYR D 124 -11.04 -14.78 11.78
C TYR D 124 -10.83 -14.41 10.33
N ALA D 125 -11.75 -13.63 9.78
CA ALA D 125 -11.68 -13.20 8.38
C ALA D 125 -10.36 -12.50 8.11
N GLU D 126 -9.93 -11.69 9.07
CA GLU D 126 -8.70 -10.94 8.96
C GLU D 126 -7.51 -11.89 8.78
N GLU D 127 -7.51 -12.98 9.52
CA GLU D 127 -6.43 -13.96 9.44
C GLU D 127 -6.49 -14.74 8.14
N ARG D 128 -7.70 -15.09 7.71
CA ARG D 128 -7.86 -15.85 6.48
C ARG D 128 -7.50 -15.03 5.24
N ALA D 129 -7.52 -13.71 5.38
CA ALA D 129 -7.21 -12.82 4.26
C ALA D 129 -5.72 -12.68 3.95
N PHE D 130 -4.88 -13.08 4.90
CA PHE D 130 -3.43 -13.02 4.70
C PHE D 130 -2.89 -14.13 5.59
N ARG D 131 -2.57 -15.26 4.98
CA ARG D 131 -2.13 -16.43 5.72
C ARG D 131 -0.68 -16.53 6.12
N THR D 132 -0.47 -16.46 7.42
CA THR D 132 0.85 -16.51 8.01
C THR D 132 0.93 -17.44 9.21
N CYS D 133 2.16 -17.69 9.64
CA CYS D 133 2.45 -18.49 10.83
C CYS D 133 3.17 -17.46 11.68
N ASN D 134 2.80 -17.36 12.95
CA ASN D 134 3.40 -16.37 13.85
C ASN D 134 4.07 -16.99 15.07
N LEU D 135 5.25 -16.47 15.43
CA LEU D 135 5.99 -16.95 16.60
C LEU D 135 5.92 -15.86 17.68
N ARG D 136 5.38 -16.22 18.84
CA ARG D 136 5.23 -15.29 19.96
C ARG D 136 6.05 -15.79 21.15
N LYS D 137 6.43 -14.85 22.01
CA LYS D 137 7.18 -15.17 23.22
C LYS D 137 6.50 -14.50 24.40
N SER D 138 6.15 -15.30 25.41
CA SER D 138 5.48 -14.79 26.61
C SER D 138 6.29 -15.23 27.84
N ARG D 139 6.01 -14.67 29.02
CA ARG D 139 4.97 -13.66 29.25
C ARG D 139 5.22 -12.39 28.45
N GLY D 140 4.16 -11.77 27.96
CA GLY D 140 4.31 -10.53 27.20
C GLY D 140 3.67 -10.51 25.83
N PHE D 141 3.26 -11.68 25.33
CA PHE D 141 2.61 -11.75 24.03
C PHE D 141 3.43 -10.98 22.98
N HIS D 142 4.74 -11.24 22.94
CA HIS D 142 5.63 -10.56 22.00
C HIS D 142 5.73 -11.27 20.66
N LEU D 143 5.44 -10.55 19.58
CA LEU D 143 5.56 -11.14 18.25
C LEU D 143 7.04 -11.12 17.91
N ALA D 144 7.65 -12.30 17.84
CA ALA D 144 9.08 -12.41 17.56
C ALA D 144 9.43 -12.60 16.08
N ALA D 145 8.61 -13.38 15.38
CA ALA D 145 8.86 -13.65 13.96
C ALA D 145 7.58 -14.05 13.26
N GLY D 147 6.00 -15.63 9.15
CA GLY D 147 6.27 -16.09 7.80
C GLY D 147 4.98 -16.51 7.12
N ALA D 148 4.96 -16.55 5.79
CA ALA D 148 3.76 -16.96 5.08
C ALA D 148 3.47 -18.44 5.38
N ASP D 149 2.20 -18.80 5.36
CA ASP D 149 1.74 -20.17 5.65
C ASP D 149 1.31 -20.89 4.37
N PRO D 150 2.04 -21.93 3.95
CA PRO D 150 1.73 -22.70 2.75
C PRO D 150 0.53 -23.66 2.87
N LEU D 151 0.06 -23.87 4.11
CA LEU D 151 -1.06 -24.77 4.34
C LEU D 151 -2.32 -24.25 3.64
N PRO D 152 -3.01 -25.12 2.89
CA PRO D 152 -4.22 -24.72 2.17
C PRO D 152 -5.44 -24.85 3.07
N SER D 153 -6.61 -24.54 2.53
CA SER D 153 -7.86 -24.72 3.26
C SER D 153 -8.08 -26.24 3.15
N PRO D 154 -8.89 -26.82 4.04
CA PRO D 154 -9.14 -28.27 3.99
C PRO D 154 -9.57 -28.84 2.65
N ASP D 155 -10.38 -28.09 1.90
CA ASP D 155 -10.85 -28.57 0.61
C ASP D 155 -9.74 -28.97 -0.35
N ASP D 156 -8.61 -28.27 -0.29
CA ASP D 156 -7.47 -28.55 -1.18
C ASP D 156 -6.31 -29.30 -0.51
N ALA D 157 -6.47 -29.69 0.74
CA ALA D 157 -5.40 -30.39 1.46
C ALA D 157 -4.98 -31.75 0.92
N ASP D 158 -3.69 -32.05 1.07
CA ASP D 158 -3.08 -33.32 0.68
C ASP D 158 -2.37 -33.73 1.97
N SER D 159 -3.17 -33.98 3.00
CA SER D 159 -2.67 -34.33 4.33
C SER D 159 -2.11 -35.75 4.43
N PRO D 160 -1.24 -35.98 5.42
CA PRO D 160 -0.80 -34.99 6.40
C PRO D 160 0.41 -34.17 5.96
N TYR D 161 0.69 -33.12 6.72
CA TYR D 161 1.83 -32.24 6.45
C TYR D 161 2.89 -32.51 7.53
N ARG D 162 4.16 -32.48 7.13
CA ARG D 162 5.27 -32.74 8.05
C ARG D 162 5.77 -31.46 8.71
N LYS D 164 8.11 -29.41 11.45
CA LYS D 164 9.40 -29.56 12.12
C LYS D 164 9.81 -28.24 12.78
N LEU D 165 10.08 -28.31 14.07
CA LEU D 165 10.47 -27.14 14.86
C LEU D 165 11.82 -27.35 15.55
N ILE D 166 12.71 -26.38 15.42
CA ILE D 166 14.01 -26.45 16.08
C ILE D 166 14.04 -25.41 17.19
N LYS D 167 14.46 -25.83 18.38
CA LYS D 167 14.58 -24.94 19.55
C LYS D 167 15.96 -25.20 20.14
N ASP D 168 16.84 -24.20 20.08
CA ASP D 168 18.19 -24.36 20.62
C ASP D 168 18.62 -23.04 21.22
N LYS D 169 18.37 -22.90 22.52
CA LYS D 169 18.68 -21.67 23.23
C LYS D 169 17.93 -20.55 22.52
N GLY D 170 18.64 -19.50 22.12
CA GLY D 170 17.95 -18.39 21.47
C GLY D 170 17.38 -18.67 20.08
N TYR D 171 17.87 -19.73 19.44
CA TYR D 171 17.44 -20.06 18.08
C TYR D 171 16.16 -20.88 17.91
N VAL D 172 15.31 -20.44 16.98
CA VAL D 172 14.06 -21.13 16.65
C VAL D 172 13.91 -21.16 15.12
N HIS D 173 13.55 -22.33 14.58
CA HIS D 173 13.35 -22.48 13.13
C HIS D 173 12.15 -23.37 12.92
N PHE D 174 11.30 -23.01 11.96
CA PHE D 174 10.09 -23.78 11.69
C PHE D 174 9.95 -24.05 10.19
N SER D 175 9.61 -25.29 9.85
CA SER D 175 9.43 -25.67 8.45
C SER D 175 8.23 -26.60 8.30
N ILE D 176 7.63 -26.58 7.11
CA ILE D 176 6.49 -27.43 6.80
C ILE D 176 6.84 -28.14 5.49
N ASN D 177 6.84 -29.46 5.53
CA ASN D 177 7.18 -30.26 4.36
C ASN D 177 8.58 -29.90 3.86
N GLY D 178 9.44 -29.53 4.81
CA GLY D 178 10.81 -29.17 4.46
C GLY D 178 11.03 -27.73 4.05
N LEU D 179 9.95 -27.00 3.80
CA LEU D 179 10.07 -25.60 3.39
C LEU D 179 10.21 -24.69 4.62
N PRO D 180 11.31 -23.92 4.69
CA PRO D 180 11.49 -23.02 5.82
C PRO D 180 10.35 -22.01 5.86
N ILE D 181 9.75 -21.82 7.03
CA ILE D 181 8.64 -20.88 7.18
C ILE D 181 9.09 -19.60 7.87
N LEU D 182 9.82 -19.77 8.97
CA LEU D 182 10.33 -18.63 9.72
C LEU D 182 11.45 -19.09 10.63
N GLU D 183 12.26 -18.15 11.08
CA GLU D 183 13.34 -18.46 12.01
C GLU D 183 13.60 -17.22 12.84
N TRP D 184 14.21 -17.40 14.00
CA TRP D 184 14.44 -16.27 14.90
C TRP D 184 15.59 -16.55 15.86
N ASP D 186 16.71 -15.15 19.43
CA ASP D 186 16.42 -14.34 20.62
C ASP D 186 17.77 -13.86 21.16
N ASP D 187 17.95 -12.56 21.31
CA ASP D 187 19.22 -12.04 21.84
C ASP D 187 19.26 -12.03 23.36
N GLY D 188 18.13 -12.38 23.98
CA GLY D 188 18.07 -12.42 25.44
C GLY D 188 17.99 -11.06 26.12
N SER D 189 17.75 -10.00 25.36
CA SER D 189 17.66 -8.67 25.94
C SER D 189 16.52 -7.83 25.35
N THR D 190 15.85 -8.37 24.33
CA THR D 190 14.76 -7.65 23.71
C THR D 190 13.42 -7.98 24.38
N TYR D 191 13.23 -9.25 24.68
CA TYR D 191 12.00 -9.72 25.33
C TYR D 191 12.36 -10.58 26.56
N GLY D 192 13.36 -10.14 27.31
CA GLY D 192 13.76 -10.88 28.50
C GLY D 192 14.67 -12.06 28.23
N PRO D 193 15.10 -12.77 29.27
CA PRO D 193 15.99 -13.92 29.15
C PRO D 193 15.49 -14.99 28.17
N VAL D 194 16.44 -15.64 27.50
CA VAL D 194 16.11 -16.71 26.57
C VAL D 194 15.46 -17.85 27.36
N LEU D 195 14.41 -18.45 26.80
CA LEU D 195 13.74 -19.58 27.45
C LEU D 195 14.49 -20.85 27.06
N THR D 196 14.46 -21.86 27.93
CA THR D 196 15.20 -23.08 27.66
C THR D 196 14.37 -24.37 27.61
N LYS D 197 14.19 -25.00 28.77
CA LYS D 197 13.43 -26.24 28.88
C LYS D 197 11.96 -25.97 29.20
N GLY D 198 11.12 -27.01 29.12
CA GLY D 198 9.71 -26.83 29.42
C GLY D 198 8.77 -27.82 28.75
N LYS D 199 7.47 -27.62 28.97
CA LYS D 199 6.47 -28.50 28.38
C LYS D 199 6.13 -28.06 26.96
N ILE D 200 5.53 -28.98 26.21
CA ILE D 200 5.08 -28.70 24.85
C ILE D 200 3.57 -28.94 24.87
N GLY D 201 2.81 -28.05 24.24
CA GLY D 201 1.36 -28.20 24.24
C GLY D 201 0.72 -27.89 22.90
N PHE D 202 -0.46 -28.47 22.67
CA PHE D 202 -1.21 -28.30 21.44
C PHE D 202 -2.48 -27.48 21.67
N ARG D 203 -2.51 -26.27 21.11
CA ARG D 203 -3.67 -25.42 21.25
C ARG D 203 -4.49 -25.31 19.97
N GLN D 204 -5.79 -25.18 20.14
CA GLN D 204 -6.70 -25.01 19.01
C GLN D 204 -7.76 -23.99 19.41
N ALA D 206 -11.50 -22.97 18.72
CA ALA D 206 -12.70 -23.58 18.17
C ALA D 206 -13.20 -22.73 17.02
N PRO D 207 -13.94 -23.33 16.07
CA PRO D 207 -14.37 -24.73 15.96
C PRO D 207 -13.42 -25.62 15.15
N LYS D 209 -11.02 -28.42 13.66
CA LYS D 209 -11.03 -29.87 13.71
C LYS D 209 -9.76 -30.28 12.97
N ALA D 210 -8.88 -31.00 13.68
CA ALA D 210 -7.60 -31.42 13.10
C ALA D 210 -7.17 -32.79 13.60
N VAL D 211 -6.27 -33.42 12.83
CA VAL D 211 -5.75 -34.73 13.19
C VAL D 211 -4.23 -34.65 13.36
N TYR D 212 -3.74 -35.30 14.40
CA TYR D 212 -2.31 -35.32 14.70
C TYR D 212 -1.79 -36.74 14.83
N ARG D 213 -0.53 -36.94 14.44
CA ARG D 213 0.09 -38.26 14.55
C ARG D 213 1.61 -38.15 14.66
N ASP D 214 2.22 -39.21 15.15
CA ASP D 214 3.68 -39.31 15.27
C ASP D 214 4.40 -38.07 15.78
N PHE D 215 4.10 -37.72 17.03
CA PHE D 215 4.71 -36.59 17.72
C PHE D 215 6.03 -37.07 18.32
N ALA D 216 7.14 -36.45 17.92
CA ALA D 216 8.44 -36.87 18.44
C ALA D 216 9.37 -35.72 18.79
N VAL D 217 10.32 -36.00 19.68
CA VAL D 217 11.31 -35.00 20.10
C VAL D 217 12.68 -35.65 20.06
N HIS D 218 13.60 -35.06 19.30
CA HIS D 218 14.97 -35.58 19.18
C HIS D 218 15.94 -34.49 19.62
N GLN D 219 17.16 -34.89 19.93
CA GLN D 219 18.17 -33.92 20.33
C GLN D 219 18.51 -33.08 19.10
N ALA D 220 18.75 -31.79 19.30
CA ALA D 220 19.11 -30.93 18.19
C ALA D 220 20.63 -30.91 18.08
N VAL D 221 21.15 -31.29 16.91
CA VAL D 221 22.59 -31.29 16.71
C VAL D 221 22.97 -30.17 15.77
N ARG D 222 23.62 -29.13 16.29
CA ARG D 222 24.02 -28.01 15.48
C ARG D 222 25.32 -28.33 14.74
N ARG D 223 25.30 -28.18 13.42
CA ARG D 223 26.47 -28.45 12.60
C ARG D 223 27.28 -27.18 12.36
#